data_7WM3
#
_entry.id   7WM3
#
_cell.length_a   82.190
_cell.length_b   101.620
_cell.length_c   111.000
_cell.angle_alpha   90.000
_cell.angle_beta   90.000
_cell.angle_gamma   90.000
#
_symmetry.space_group_name_H-M   'P 21 21 21'
#
loop_
_entity.id
_entity.type
_entity.pdbx_description
1 polymer 'Heterogeneous nuclear ribonucleoproteins A2/B1'
2 polymer "DNA (5'-D(P*TP*TP*AP*GP*GP*GP*TP*TP*AP*GP*GP*G)-3')"
3 water water
#
loop_
_entity_poly.entity_id
_entity_poly.type
_entity_poly.pdbx_seq_one_letter_code
_entity_poly.pdbx_strand_id
1 'polypeptide(L)'
;REKEQFRKLFIGGLSFETTEESLRNYYEQWGKLTDCVVMRDPASKRSRGFGFVTFSSMAEVDAAMAARPHSIDGRVVEPK
RAVAREESGKPGAHVTVKKLFVGGIKEDTEEHHLRDYFEEYGKIDTIEIITDRQSGKKRGFGFVTFDDHDPVDKIVLQKY
HTINGHNAEVRKALSRQEM
;
A,B,C,D
2 'polydeoxyribonucleotide' (DT)(DT)(DA)(DG)(DG)(DG)(DT)(DT)(DA)(DG)(DG)(DG) E,F,G,H
#
# COMPACT_ATOMS: atom_id res chain seq x y z
N ARG A 1 -2.66 -22.49 22.50
CA ARG A 1 -1.39 -22.19 21.89
C ARG A 1 -1.57 -21.09 20.83
N GLU A 2 -0.46 -20.55 20.36
CA GLU A 2 -0.51 -19.49 19.36
C GLU A 2 -1.03 -20.06 18.02
N LYS A 3 -1.63 -19.18 17.23
CA LYS A 3 -1.98 -19.53 15.86
C LYS A 3 -0.76 -20.03 15.09
N GLU A 4 -1.03 -20.81 14.05
CA GLU A 4 0.03 -21.43 13.27
C GLU A 4 1.01 -20.43 12.69
N GLN A 5 0.53 -19.23 12.34
CA GLN A 5 1.42 -18.25 11.75
C GLN A 5 2.63 -17.99 12.61
N PHE A 6 2.48 -18.03 13.96
CA PHE A 6 3.56 -17.75 14.87
C PHE A 6 4.40 -18.98 15.23
N ARG A 7 4.04 -20.14 14.68
CA ARG A 7 4.77 -21.38 14.84
C ARG A 7 5.40 -21.84 13.55
N LYS A 8 5.42 -20.99 12.52
CA LYS A 8 5.70 -21.35 11.15
C LYS A 8 7.05 -20.74 10.70
N LEU A 9 7.82 -21.53 9.99
CA LEU A 9 9.05 -21.11 9.37
C LEU A 9 8.93 -21.17 7.86
N PHE A 10 9.33 -20.08 7.21
CA PHE A 10 9.65 -20.08 5.78
C PHE A 10 11.03 -20.69 5.57
N ILE A 11 11.12 -21.67 4.64
CA ILE A 11 12.39 -22.33 4.37
C ILE A 11 12.82 -21.94 2.97
N GLY A 12 13.80 -21.02 2.87
CA GLY A 12 14.26 -20.55 1.59
C GLY A 12 15.44 -21.34 1.05
N GLY A 13 15.49 -21.43 -0.28
CA GLY A 13 16.62 -22.04 -0.96
C GLY A 13 16.65 -23.55 -0.96
N LEU A 14 15.48 -24.20 -0.90
CA LEU A 14 15.40 -25.65 -0.98
C LEU A 14 16.03 -26.20 -2.25
N SER A 15 16.74 -27.31 -2.11
CA SER A 15 17.02 -28.13 -3.27
C SER A 15 15.74 -28.42 -4.04
N PHE A 16 15.83 -28.39 -5.38
CA PHE A 16 14.63 -28.67 -6.17
C PHE A 16 14.19 -30.12 -6.03
N GLU A 17 15.03 -30.97 -5.44
CA GLU A 17 14.64 -32.36 -5.15
C GLU A 17 13.95 -32.53 -3.82
N THR A 18 13.96 -31.53 -2.95
CA THR A 18 13.33 -31.69 -1.65
C THR A 18 11.83 -31.83 -1.82
N THR A 19 11.27 -32.80 -1.11
CA THR A 19 9.85 -33.07 -1.08
C THR A 19 9.27 -32.76 0.28
N GLU A 20 7.94 -32.75 0.34
CA GLU A 20 7.28 -32.59 1.62
C GLU A 20 7.80 -33.64 2.58
N GLU A 21 8.01 -34.86 2.09
CA GLU A 21 8.47 -35.95 2.96
C GLU A 21 9.86 -35.67 3.51
N SER A 22 10.80 -35.21 2.66
CA SER A 22 12.15 -35.02 3.16
C SER A 22 12.27 -33.77 3.99
N LEU A 23 11.50 -32.71 3.67
CA LEU A 23 11.44 -31.51 4.50
C LEU A 23 10.91 -31.84 5.90
N ARG A 24 9.83 -32.62 5.95
CA ARG A 24 9.24 -33.02 7.22
C ARG A 24 10.23 -33.85 8.04
N ASN A 25 10.88 -34.81 7.38
CA ASN A 25 11.79 -35.68 8.10
C ASN A 25 12.92 -34.88 8.74
N TYR A 26 13.36 -33.82 8.07
CA TYR A 26 14.41 -32.99 8.61
C TYR A 26 13.91 -32.19 9.81
N TYR A 27 12.81 -31.44 9.67
CA TYR A 27 12.43 -30.49 10.73
C TYR A 27 11.82 -31.22 11.94
N GLU A 28 11.31 -32.43 11.76
CA GLU A 28 10.76 -33.16 12.89
C GLU A 28 11.82 -33.55 13.90
N GLN A 29 13.10 -33.34 13.59
CA GLN A 29 14.11 -33.46 14.64
C GLN A 29 13.78 -32.58 15.84
N TRP A 30 13.05 -31.49 15.65
CA TRP A 30 12.87 -30.51 16.72
C TRP A 30 11.44 -30.51 17.28
N GLY A 31 10.57 -31.40 16.81
CA GLY A 31 9.20 -31.43 17.30
C GLY A 31 8.25 -31.88 16.21
N LYS A 32 7.01 -32.13 16.62
CA LYS A 32 6.05 -32.66 15.66
C LYS A 32 5.49 -31.49 14.86
N LEU A 33 5.37 -31.71 13.55
CA LEU A 33 4.89 -30.66 12.65
C LEU A 33 3.37 -30.73 12.53
N THR A 34 2.69 -29.59 12.64
CA THR A 34 1.28 -29.53 12.31
C THR A 34 1.05 -29.20 10.84
N ASP A 35 2.09 -28.79 10.11
CA ASP A 35 1.98 -28.49 8.67
C ASP A 35 3.37 -28.54 8.04
N CYS A 36 3.41 -28.87 6.74
CA CYS A 36 4.66 -28.98 5.99
C CYS A 36 4.27 -28.92 4.52
N VAL A 37 4.91 -28.05 3.76
CA VAL A 37 4.59 -27.92 2.35
C VAL A 37 5.83 -27.46 1.60
N VAL A 38 6.02 -28.02 0.39
CA VAL A 38 6.97 -27.50 -0.60
C VAL A 38 6.16 -26.80 -1.68
N MET A 39 6.49 -25.55 -1.94
CA MET A 39 5.71 -24.78 -2.90
C MET A 39 6.16 -25.07 -4.33
N ARG A 40 5.19 -25.23 -5.24
CA ARG A 40 5.47 -25.62 -6.62
C ARG A 40 4.72 -24.72 -7.61
N ASP A 41 5.22 -24.72 -8.85
CA ASP A 41 4.53 -23.99 -9.91
C ASP A 41 3.23 -24.71 -10.23
N PRO A 42 2.10 -24.02 -10.35
CA PRO A 42 0.82 -24.73 -10.57
C PRO A 42 0.76 -25.45 -11.91
N ALA A 43 1.41 -24.92 -12.94
CA ALA A 43 1.37 -25.55 -14.26
C ALA A 43 2.32 -26.75 -14.34
N SER A 44 3.62 -26.49 -14.15
CA SER A 44 4.62 -27.52 -14.39
C SER A 44 4.92 -28.41 -13.18
N LYS A 45 4.52 -28.01 -11.98
CA LYS A 45 4.82 -28.73 -10.72
C LYS A 45 6.31 -28.71 -10.36
N ARG A 46 7.09 -27.87 -11.03
CA ARG A 46 8.46 -27.66 -10.58
C ARG A 46 8.44 -27.06 -9.17
N SER A 47 9.36 -27.53 -8.32
CA SER A 47 9.63 -26.83 -7.07
C SER A 47 10.04 -25.39 -7.33
N ARG A 48 9.46 -24.48 -6.54
CA ARG A 48 9.88 -23.08 -6.52
C ARG A 48 11.04 -22.84 -5.58
N GLY A 49 11.61 -23.89 -4.96
CA GLY A 49 12.77 -23.66 -4.15
C GLY A 49 12.50 -23.13 -2.76
N PHE A 50 11.28 -23.29 -2.25
CA PHE A 50 11.00 -22.88 -0.87
C PHE A 50 9.79 -23.64 -0.38
N GLY A 51 9.58 -23.58 0.92
CA GLY A 51 8.42 -24.20 1.54
C GLY A 51 8.24 -23.66 2.94
N PHE A 52 7.32 -24.29 3.67
CA PHE A 52 7.03 -23.91 5.03
C PHE A 52 6.98 -25.18 5.90
N VAL A 53 7.36 -25.02 7.15
CA VAL A 53 7.04 -25.99 8.19
C VAL A 53 6.40 -25.27 9.37
N THR A 54 5.49 -25.94 10.04
CA THR A 54 4.82 -25.37 11.18
C THR A 54 4.92 -26.35 12.34
N PHE A 55 5.45 -25.87 13.45
CA PHE A 55 5.68 -26.72 14.59
C PHE A 55 4.48 -26.67 15.54
N SER A 56 4.48 -27.59 16.51
CA SER A 56 3.38 -27.69 17.46
C SER A 56 3.41 -26.62 18.51
N SER A 57 4.55 -25.95 18.70
CA SER A 57 4.72 -24.90 19.69
C SER A 57 5.78 -23.90 19.26
N MET A 58 5.73 -22.74 19.90
CA MET A 58 6.75 -21.73 19.64
C MET A 58 8.11 -22.20 20.14
N ALA A 59 8.14 -22.91 21.27
CA ALA A 59 9.44 -23.40 21.78
C ALA A 59 10.14 -24.25 20.74
N GLU A 60 9.39 -25.11 20.04
CA GLU A 60 10.00 -25.96 19.03
C GLU A 60 10.59 -25.12 17.89
N VAL A 61 9.90 -24.05 17.46
CA VAL A 61 10.49 -23.17 16.45
C VAL A 61 11.82 -22.63 16.94
N ASP A 62 11.83 -22.14 18.17
CA ASP A 62 13.05 -21.58 18.72
C ASP A 62 14.14 -22.63 18.72
N ALA A 63 13.81 -23.87 19.07
CA ALA A 63 14.86 -24.87 19.12
C ALA A 63 15.46 -25.13 17.76
N ALA A 64 14.61 -25.16 16.73
CA ALA A 64 15.09 -25.38 15.39
C ALA A 64 16.01 -24.24 14.99
N MET A 65 15.61 -23.00 15.31
CA MET A 65 16.41 -21.86 14.88
C MET A 65 17.72 -21.81 15.64
N ALA A 66 17.74 -22.33 16.87
CA ALA A 66 18.99 -22.33 17.65
C ALA A 66 19.97 -23.36 17.11
N ALA A 67 19.52 -24.27 16.23
CA ALA A 67 20.33 -25.34 15.68
C ALA A 67 20.77 -25.10 14.23
N ARG A 68 20.70 -23.87 13.75
CA ARG A 68 21.23 -23.54 12.43
C ARG A 68 22.76 -23.70 12.45
N PRO A 69 23.38 -23.89 11.28
CA PRO A 69 22.81 -23.94 9.94
C PRO A 69 22.07 -25.23 9.67
N HIS A 70 21.11 -25.17 8.74
CA HIS A 70 20.34 -26.33 8.34
C HIS A 70 20.72 -26.68 6.91
N SER A 71 21.03 -27.95 6.69
CA SER A 71 21.30 -28.46 5.37
C SER A 71 20.32 -29.59 5.09
N ILE A 72 19.66 -29.53 3.94
CA ILE A 72 18.59 -30.45 3.60
C ILE A 72 18.81 -30.93 2.17
N ASP A 73 18.80 -32.25 1.98
CA ASP A 73 19.04 -32.86 0.68
C ASP A 73 20.27 -32.24 0.01
N GLY A 74 21.28 -31.93 0.80
CA GLY A 74 22.56 -31.49 0.27
C GLY A 74 22.72 -30.02 -0.01
N ARG A 75 21.76 -29.18 0.38
CA ARG A 75 21.83 -27.76 0.15
C ARG A 75 21.63 -27.04 1.47
N VAL A 76 22.45 -26.03 1.76
CA VAL A 76 22.21 -25.22 2.97
C VAL A 76 21.01 -24.32 2.70
N VAL A 77 20.03 -24.34 3.59
CA VAL A 77 18.80 -23.58 3.40
C VAL A 77 18.79 -22.38 4.36
N GLU A 78 17.81 -21.49 4.18
CA GLU A 78 17.67 -20.30 5.03
C GLU A 78 16.29 -20.29 5.68
N PRO A 79 16.16 -20.78 6.92
CA PRO A 79 14.88 -20.73 7.62
C PRO A 79 14.68 -19.33 8.19
N LYS A 80 13.43 -18.90 8.15
CA LYS A 80 13.04 -17.58 8.62
C LYS A 80 11.65 -17.63 9.24
N ARG A 81 11.46 -16.92 10.34
CA ARG A 81 10.11 -16.73 10.86
C ARG A 81 9.18 -16.27 9.74
N ALA A 82 8.04 -16.89 9.63
CA ALA A 82 7.17 -16.57 8.49
C ALA A 82 6.50 -15.20 8.60
N VAL A 83 6.62 -14.44 7.53
CA VAL A 83 5.99 -13.14 7.39
C VAL A 83 4.60 -13.35 6.80
N ALA A 84 3.60 -12.80 7.47
CA ALA A 84 2.21 -13.01 7.05
C ALA A 84 1.96 -12.49 5.65
N ARG A 85 1.03 -13.18 4.97
CA ARG A 85 0.58 -12.80 3.65
C ARG A 85 0.08 -11.36 3.62
N GLU A 86 -0.55 -10.91 4.70
CA GLU A 86 -1.08 -9.55 4.72
C GLU A 86 0.00 -8.46 4.66
N GLU A 87 1.24 -8.79 4.96
CA GLU A 87 2.33 -7.84 4.82
C GLU A 87 2.80 -7.66 3.39
N SER A 88 2.30 -8.44 2.44
CA SER A 88 2.83 -8.35 1.09
C SER A 88 2.48 -6.98 0.52
N GLY A 89 3.46 -6.39 -0.18
CA GLY A 89 3.28 -5.05 -0.70
C GLY A 89 3.78 -3.94 0.19
N LYS A 90 4.21 -4.24 1.44
CA LYS A 90 4.81 -3.23 2.29
C LYS A 90 6.31 -3.23 2.06
N PRO A 91 6.93 -2.07 2.00
CA PRO A 91 8.38 -2.02 1.89
C PRO A 91 9.04 -2.78 3.03
N GLY A 92 10.00 -3.60 2.65
CA GLY A 92 10.77 -4.41 3.60
C GLY A 92 10.08 -5.62 4.17
N ALA A 93 8.87 -5.95 3.69
CA ALA A 93 8.14 -7.07 4.28
C ALA A 93 8.99 -8.32 4.36
N HIS A 94 9.78 -8.60 3.32
CA HIS A 94 10.53 -9.83 3.25
C HIS A 94 12.02 -9.63 3.38
N VAL A 95 12.44 -8.45 3.85
CA VAL A 95 13.85 -8.20 4.03
C VAL A 95 14.35 -8.99 5.23
N THR A 96 15.59 -9.45 5.14
CA THR A 96 16.23 -10.19 6.23
C THR A 96 17.42 -9.36 6.67
N VAL A 97 17.33 -8.78 7.88
CA VAL A 97 18.32 -7.85 8.39
C VAL A 97 18.56 -8.09 9.86
N LYS A 98 19.73 -7.67 10.28
CA LYS A 98 20.18 -7.79 11.67
C LYS A 98 19.81 -6.57 12.53
N LYS A 99 19.22 -5.54 11.94
CA LYS A 99 19.08 -4.25 12.57
C LYS A 99 17.61 -3.90 12.71
N LEU A 100 17.29 -3.37 13.87
CA LEU A 100 15.94 -3.06 14.30
C LEU A 100 15.80 -1.56 14.56
N PHE A 101 14.83 -0.93 13.92
CA PHE A 101 14.39 0.41 14.30
C PHE A 101 13.43 0.37 15.49
N VAL A 102 13.62 1.29 16.43
CA VAL A 102 12.80 1.41 17.64
C VAL A 102 12.36 2.87 17.72
N GLY A 103 11.04 3.10 17.56
CA GLY A 103 10.50 4.45 17.59
C GLY A 103 9.61 4.65 18.79
N GLY A 104 9.34 5.92 19.08
CA GLY A 104 8.50 6.28 20.21
C GLY A 104 9.16 6.34 21.56
N ILE A 105 10.50 6.37 21.62
CA ILE A 105 11.18 6.26 22.89
C ILE A 105 11.51 7.63 23.50
N LYS A 106 11.15 8.73 22.81
CA LYS A 106 11.23 10.10 23.33
C LYS A 106 12.67 10.43 23.71
N GLU A 107 12.85 11.32 24.70
CA GLU A 107 14.14 11.93 24.95
C GLU A 107 14.81 11.40 26.22
N ASP A 108 14.14 10.53 26.96
CA ASP A 108 14.72 9.99 28.17
C ASP A 108 15.17 8.55 28.02
N THR A 109 15.05 7.94 26.83
CA THR A 109 15.49 6.57 26.67
C THR A 109 16.95 6.54 26.22
N GLU A 110 17.76 5.75 26.91
CA GLU A 110 19.18 5.62 26.71
C GLU A 110 19.52 4.22 26.21
N GLU A 111 20.77 4.05 25.77
CA GLU A 111 21.22 2.77 25.25
C GLU A 111 20.89 1.65 26.21
N HIS A 112 21.13 1.85 27.51
CA HIS A 112 20.98 0.71 28.41
C HIS A 112 19.52 0.30 28.56
N HIS A 113 18.57 1.23 28.37
CA HIS A 113 17.17 0.81 28.36
C HIS A 113 16.91 -0.17 27.23
N LEU A 114 17.44 0.13 26.04
CA LEU A 114 17.22 -0.77 24.92
C LEU A 114 17.95 -2.08 25.11
N ARG A 115 19.18 -2.02 25.63
CA ARG A 115 19.94 -3.25 25.92
C ARG A 115 19.17 -4.12 26.91
N ASP A 116 18.74 -3.54 28.03
CA ASP A 116 18.02 -4.31 29.03
C ASP A 116 16.77 -4.95 28.47
N TYR A 117 16.02 -4.24 27.61
CA TYR A 117 14.80 -4.79 27.05
C TYR A 117 15.06 -5.86 25.99
N PHE A 118 16.02 -5.64 25.09
CA PHE A 118 16.14 -6.50 23.92
C PHE A 118 17.14 -7.64 24.10
N GLU A 119 18.01 -7.58 25.11
CA GLU A 119 19.06 -8.58 25.19
C GLU A 119 18.47 -9.96 25.37
N GLU A 120 17.25 -10.07 25.91
CA GLU A 120 16.68 -11.41 26.06
C GLU A 120 16.35 -12.05 24.73
N TYR A 121 16.24 -11.27 23.66
CA TYR A 121 15.86 -11.87 22.39
C TYR A 121 17.05 -12.42 21.62
N GLY A 122 18.26 -12.01 21.93
CA GLY A 122 19.42 -12.50 21.22
C GLY A 122 20.62 -11.63 21.52
N LYS A 123 21.77 -12.00 20.93
CA LYS A 123 22.99 -11.27 21.21
C LYS A 123 23.02 -9.96 20.44
N ILE A 124 23.29 -8.90 21.17
CA ILE A 124 23.33 -7.55 20.63
C ILE A 124 24.74 -7.20 20.26
N ASP A 125 24.90 -6.67 19.05
CA ASP A 125 26.14 -6.13 18.50
C ASP A 125 26.34 -4.65 18.85
N THR A 126 25.44 -3.78 18.42
CA THR A 126 25.51 -2.38 18.78
C THR A 126 24.11 -1.81 19.01
N ILE A 127 24.09 -0.72 19.74
CA ILE A 127 22.90 0.07 19.99
C ILE A 127 23.20 1.52 19.68
N GLU A 128 22.31 2.18 18.93
CA GLU A 128 22.45 3.60 18.66
C GLU A 128 21.19 4.34 19.06
N ILE A 129 21.31 5.31 19.94
CA ILE A 129 20.27 6.29 20.19
C ILE A 129 20.50 7.50 19.29
N ILE A 130 19.54 7.82 18.43
CA ILE A 130 19.78 8.87 17.42
C ILE A 130 19.56 10.24 18.04
N THR A 131 20.49 11.15 17.76
CA THR A 131 20.41 12.56 18.14
C THR A 131 20.55 13.47 16.93
N ASP A 132 20.09 14.71 17.11
CA ASP A 132 20.30 15.75 16.12
C ASP A 132 21.78 16.14 16.14
N ARG A 133 22.42 16.17 14.97
CA ARG A 133 23.87 16.29 14.92
C ARG A 133 24.32 17.63 15.49
N GLN A 134 23.58 18.69 15.20
CA GLN A 134 23.95 20.03 15.62
C GLN A 134 23.61 20.29 17.08
N SER A 135 22.38 19.96 17.50
CA SER A 135 21.94 20.27 18.86
C SER A 135 22.27 19.19 19.89
N GLY A 136 22.49 17.95 19.47
CA GLY A 136 22.66 16.88 20.43
C GLY A 136 21.37 16.34 21.02
N LYS A 137 20.25 16.93 20.70
CA LYS A 137 19.00 16.55 21.30
C LYS A 137 18.61 15.16 20.80
N LYS A 138 18.12 14.31 21.70
CA LYS A 138 17.56 13.03 21.26
C LYS A 138 16.35 13.20 20.35
N ARG A 139 16.33 12.41 19.27
CA ARG A 139 15.27 12.52 18.28
C ARG A 139 14.12 11.53 18.50
N GLY A 140 14.19 10.69 19.52
CA GLY A 140 13.10 9.81 19.87
C GLY A 140 13.05 8.48 19.18
N PHE A 141 14.17 8.01 18.65
CA PHE A 141 14.26 6.69 18.04
C PHE A 141 15.71 6.23 18.08
N GLY A 142 15.90 4.94 17.83
CA GLY A 142 17.23 4.36 17.84
C GLY A 142 17.22 3.05 17.07
N PHE A 143 18.37 2.43 17.07
CA PHE A 143 18.56 1.20 16.33
C PHE A 143 19.26 0.18 17.21
N VAL A 144 18.83 -1.07 17.12
CA VAL A 144 19.50 -2.18 17.79
C VAL A 144 19.95 -3.14 16.72
N THR A 145 21.25 -3.42 16.66
CA THR A 145 21.80 -4.37 15.71
C THR A 145 22.21 -5.64 16.45
N PHE A 146 21.63 -6.75 16.05
CA PHE A 146 21.93 -8.05 16.62
C PHE A 146 23.02 -8.75 15.80
N ASP A 147 23.52 -9.87 16.31
CA ASP A 147 24.48 -10.63 15.52
C ASP A 147 23.81 -11.58 14.54
N ASP A 148 22.47 -11.67 14.55
CA ASP A 148 21.77 -12.53 13.62
C ASP A 148 20.42 -11.88 13.29
N HIS A 149 19.80 -12.33 12.16
CA HIS A 149 18.50 -11.76 11.78
C HIS A 149 17.34 -12.29 12.59
N ASP A 150 17.46 -13.51 13.13
CA ASP A 150 16.29 -14.10 13.76
C ASP A 150 15.72 -13.30 14.94
N PRO A 151 16.53 -12.69 15.82
CA PRO A 151 15.90 -11.90 16.89
C PRO A 151 15.04 -10.78 16.34
N VAL A 152 15.51 -10.13 15.27
CA VAL A 152 14.73 -9.07 14.63
C VAL A 152 13.40 -9.61 14.14
N ASP A 153 13.46 -10.74 13.41
CA ASP A 153 12.25 -11.33 12.86
C ASP A 153 11.25 -11.68 13.94
N LYS A 154 11.72 -12.25 15.04
CA LYS A 154 10.82 -12.55 16.15
C LYS A 154 10.24 -11.30 16.77
N ILE A 155 11.09 -10.31 17.06
CA ILE A 155 10.65 -9.05 17.69
C ILE A 155 9.52 -8.39 16.92
N VAL A 156 9.68 -8.27 15.60
CA VAL A 156 8.71 -7.50 14.80
C VAL A 156 7.41 -8.25 14.61
N LEU A 157 7.33 -9.52 15.00
CA LEU A 157 5.99 -10.13 15.07
C LEU A 157 5.08 -9.42 16.06
N GLN A 158 5.62 -8.63 17.00
CA GLN A 158 4.84 -7.80 17.92
C GLN A 158 5.21 -6.35 17.65
N LYS A 159 4.30 -5.58 17.06
CA LYS A 159 4.63 -4.21 16.60
C LYS A 159 4.90 -3.28 17.77
N TYR A 160 4.14 -3.39 18.86
CA TYR A 160 4.17 -2.44 19.95
C TYR A 160 4.81 -3.09 21.16
N HIS A 161 5.76 -2.39 21.75
CA HIS A 161 6.53 -2.84 22.90
C HIS A 161 6.59 -1.71 23.90
N THR A 162 6.46 -2.03 25.19
CA THR A 162 6.64 -1.03 26.23
C THR A 162 8.09 -0.95 26.64
N ILE A 163 8.72 0.21 26.41
CA ILE A 163 10.14 0.38 26.66
C ILE A 163 10.36 1.67 27.46
N ASN A 164 11.01 1.54 28.62
CA ASN A 164 11.32 2.69 29.47
C ASN A 164 10.05 3.51 29.69
N GLY A 165 8.96 2.79 29.88
CA GLY A 165 7.68 3.38 30.18
C GLY A 165 6.94 3.98 29.02
N HIS A 166 7.46 3.85 27.81
CA HIS A 166 6.84 4.37 26.60
C HIS A 166 6.21 3.26 25.80
N ASN A 167 5.11 3.59 25.12
CA ASN A 167 4.56 2.80 24.02
C ASN A 167 5.46 2.98 22.81
N ALA A 168 6.36 2.01 22.59
CA ALA A 168 7.31 2.08 21.48
C ALA A 168 6.85 1.17 20.37
N GLU A 169 7.46 1.35 19.22
CA GLU A 169 7.13 0.64 17.99
C GLU A 169 8.43 0.11 17.38
N VAL A 170 8.39 -1.13 16.88
CA VAL A 170 9.58 -1.75 16.29
C VAL A 170 9.33 -2.02 14.81
N ARG A 171 10.39 -1.91 14.02
CA ARG A 171 10.33 -2.06 12.56
C ARG A 171 11.65 -2.67 12.13
N LYS A 172 11.66 -3.56 11.12
CA LYS A 172 12.92 -3.96 10.53
C LYS A 172 13.57 -2.73 9.90
N ALA A 173 14.88 -2.62 10.06
CA ALA A 173 15.56 -1.41 9.63
C ALA A 173 15.77 -1.47 8.12
N LEU A 174 15.40 -0.38 7.43
CA LEU A 174 15.55 -0.24 5.99
C LEU A 174 16.49 0.91 5.67
N SER A 175 17.19 0.77 4.54
CA SER A 175 17.98 1.91 4.07
C SER A 175 17.03 2.98 3.56
N ARG A 176 17.51 4.21 3.53
CA ARG A 176 16.62 5.30 3.13
C ARG A 176 16.11 5.10 1.72
N GLN A 177 16.93 4.49 0.84
CA GLN A 177 16.54 4.26 -0.55
C GLN A 177 15.33 3.34 -0.65
N GLU A 178 15.14 2.46 0.33
CA GLU A 178 14.03 1.52 0.35
C GLU A 178 12.78 2.11 0.96
N MET A 179 12.82 3.32 1.49
CA MET A 179 11.66 3.99 2.05
C MET A 179 11.23 5.19 1.23
N ARG B 1 -7.78 -28.30 -10.82
CA ARG B 1 -8.88 -27.39 -10.45
C ARG B 1 -8.37 -26.04 -10.01
N GLU B 2 -9.28 -25.11 -9.74
CA GLU B 2 -8.87 -23.79 -9.26
C GLU B 2 -8.28 -23.88 -7.84
N LYS B 3 -7.45 -22.92 -7.49
CA LYS B 3 -6.87 -22.86 -6.17
C LYS B 3 -7.93 -22.64 -5.09
N GLU B 4 -7.56 -22.91 -3.84
CA GLU B 4 -8.50 -22.77 -2.71
C GLU B 4 -9.22 -21.42 -2.68
N GLN B 5 -8.51 -20.33 -2.90
CA GLN B 5 -9.15 -19.01 -2.81
C GLN B 5 -10.29 -18.87 -3.79
N PHE B 6 -10.21 -19.52 -4.95
CA PHE B 6 -11.22 -19.39 -5.97
C PHE B 6 -12.36 -20.38 -5.75
N ARG B 7 -12.30 -21.18 -4.71
CA ARG B 7 -13.32 -22.14 -4.37
C ARG B 7 -13.93 -21.80 -3.03
N LYS B 8 -13.61 -20.62 -2.49
CA LYS B 8 -13.88 -20.26 -1.11
C LYS B 8 -14.82 -19.06 -1.01
N LEU B 9 -15.74 -19.09 -0.05
CA LEU B 9 -16.62 -17.99 0.25
C LEU B 9 -16.43 -17.51 1.68
N PHE B 10 -16.32 -16.19 1.82
CA PHE B 10 -16.43 -15.46 3.09
C PHE B 10 -17.92 -15.33 3.38
N ILE B 11 -18.33 -15.73 4.58
CA ILE B 11 -19.73 -15.67 4.98
C ILE B 11 -19.82 -14.60 6.06
N GLY B 12 -20.36 -13.44 5.70
CA GLY B 12 -20.40 -12.32 6.61
C GLY B 12 -21.73 -12.19 7.32
N GLY B 13 -21.68 -11.65 8.54
CA GLY B 13 -22.88 -11.40 9.31
C GLY B 13 -23.56 -12.63 9.87
N LEU B 14 -22.79 -13.64 10.24
CA LEU B 14 -23.37 -14.83 10.84
C LEU B 14 -24.04 -14.55 12.17
N SER B 15 -25.16 -15.24 12.43
CA SER B 15 -25.67 -15.32 13.79
C SER B 15 -24.57 -15.81 14.71
N PHE B 16 -24.46 -15.18 15.87
CA PHE B 16 -23.48 -15.66 16.86
C PHE B 16 -23.77 -17.08 17.31
N GLU B 17 -24.96 -17.62 17.04
CA GLU B 17 -25.29 -19.00 17.36
C GLU B 17 -24.96 -19.99 16.24
N THR B 18 -24.52 -19.52 15.08
CA THR B 18 -24.16 -20.45 14.02
C THR B 18 -22.88 -21.17 14.39
N THR B 19 -22.87 -22.47 14.15
CA THR B 19 -21.71 -23.31 14.39
C THR B 19 -21.23 -23.88 13.06
N GLU B 20 -20.08 -24.53 13.09
CA GLU B 20 -19.61 -25.21 11.89
C GLU B 20 -20.60 -26.27 11.42
N GLU B 21 -21.22 -26.99 12.35
CA GLU B 21 -22.25 -27.95 11.97
C GLU B 21 -23.34 -27.29 11.13
N SER B 22 -23.87 -26.17 11.62
CA SER B 22 -25.00 -25.58 10.87
C SER B 22 -24.53 -24.92 9.58
N LEU B 23 -23.32 -24.34 9.58
CA LEU B 23 -22.81 -23.74 8.37
C LEU B 23 -22.57 -24.80 7.30
N ARG B 24 -21.96 -25.92 7.71
CA ARG B 24 -21.71 -27.04 6.81
C ARG B 24 -23.02 -27.58 6.25
N ASN B 25 -24.00 -27.83 7.11
CA ASN B 25 -25.23 -28.42 6.61
C ASN B 25 -25.91 -27.51 5.60
N TYR B 26 -25.81 -26.19 5.79
CA TYR B 26 -26.45 -25.26 4.88
C TYR B 26 -25.77 -25.26 3.51
N TYR B 27 -24.45 -25.04 3.47
CA TYR B 27 -23.77 -24.90 2.19
C TYR B 27 -23.60 -26.22 1.45
N GLU B 28 -23.66 -27.36 2.15
CA GLU B 28 -23.65 -28.65 1.48
C GLU B 28 -24.81 -28.84 0.51
N GLN B 29 -25.86 -28.01 0.59
CA GLN B 29 -26.90 -28.05 -0.44
C GLN B 29 -26.35 -27.95 -1.85
N TRP B 30 -25.23 -27.26 -2.05
CA TRP B 30 -24.74 -26.95 -3.39
C TRP B 30 -23.48 -27.70 -3.77
N GLY B 31 -23.01 -28.64 -2.94
CA GLY B 31 -21.90 -29.46 -3.33
C GLY B 31 -21.10 -29.89 -2.13
N LYS B 32 -19.93 -30.44 -2.42
CA LYS B 32 -19.04 -31.01 -1.42
C LYS B 32 -18.15 -29.94 -0.83
N LEU B 33 -18.15 -29.84 0.49
CA LEU B 33 -17.24 -28.89 1.14
C LEU B 33 -15.89 -29.53 1.42
N THR B 34 -14.81 -28.86 1.04
CA THR B 34 -13.48 -29.30 1.48
C THR B 34 -13.11 -28.70 2.83
N ASP B 35 -13.81 -27.66 3.29
CA ASP B 35 -13.49 -26.96 4.51
C ASP B 35 -14.67 -26.11 4.93
N CYS B 36 -14.74 -25.84 6.24
CA CYS B 36 -15.77 -25.00 6.85
C CYS B 36 -15.19 -24.45 8.14
N VAL B 37 -15.41 -23.16 8.44
CA VAL B 37 -15.02 -22.64 9.75
C VAL B 37 -15.90 -21.49 10.16
N VAL B 38 -16.23 -21.45 11.46
CA VAL B 38 -16.84 -20.29 12.10
C VAL B 38 -15.75 -19.61 12.92
N MET B 39 -15.43 -18.37 12.59
CA MET B 39 -14.29 -17.67 13.16
C MET B 39 -14.66 -17.13 14.54
N ARG B 40 -13.78 -17.39 15.53
CA ARG B 40 -14.08 -17.05 16.91
C ARG B 40 -12.93 -16.29 17.56
N ASP B 41 -13.27 -15.51 18.61
CA ASP B 41 -12.25 -14.84 19.39
C ASP B 41 -11.37 -15.89 20.08
N PRO B 42 -10.05 -15.82 19.95
CA PRO B 42 -9.23 -16.91 20.51
C PRO B 42 -9.39 -17.07 22.01
N ALA B 43 -9.47 -15.95 22.74
CA ALA B 43 -9.59 -15.99 24.20
C ALA B 43 -10.99 -16.43 24.64
N SER B 44 -12.04 -15.73 24.21
CA SER B 44 -13.38 -16.02 24.68
C SER B 44 -14.10 -17.09 23.89
N LYS B 45 -13.65 -17.41 22.68
CA LYS B 45 -14.35 -18.29 21.75
C LYS B 45 -15.68 -17.71 21.30
N ARG B 46 -15.95 -16.44 21.58
CA ARG B 46 -17.16 -15.83 21.05
C ARG B 46 -17.05 -15.72 19.54
N SER B 47 -18.15 -15.93 18.86
CA SER B 47 -18.15 -15.80 17.41
C SER B 47 -17.79 -14.38 16.97
N ARG B 48 -16.97 -14.30 15.93
CA ARG B 48 -16.63 -13.03 15.31
C ARG B 48 -17.63 -12.60 14.24
N GLY B 49 -18.68 -13.39 14.06
CA GLY B 49 -19.71 -12.99 13.12
C GLY B 49 -19.43 -13.26 11.67
N PHE B 50 -18.42 -14.08 11.36
CA PHE B 50 -18.12 -14.45 9.98
C PHE B 50 -17.47 -15.82 10.00
N GLY B 51 -17.49 -16.42 8.84
CA GLY B 51 -16.86 -17.70 8.64
C GLY B 51 -16.46 -17.87 7.19
N PHE B 52 -15.94 -19.08 6.89
CA PHE B 52 -15.62 -19.46 5.52
C PHE B 52 -16.19 -20.83 5.22
N VAL B 53 -16.54 -21.01 3.96
CA VAL B 53 -16.76 -22.36 3.41
C VAL B 53 -15.94 -22.48 2.14
N THR B 54 -15.40 -23.69 1.88
CA THR B 54 -14.62 -23.99 0.66
C THR B 54 -15.24 -25.18 -0.03
N PHE B 55 -15.58 -25.01 -1.29
CA PHE B 55 -16.18 -26.09 -2.07
C PHE B 55 -15.12 -26.87 -2.85
N SER B 56 -15.52 -28.04 -3.31
CA SER B 56 -14.61 -28.86 -4.10
C SER B 56 -14.37 -28.29 -5.48
N SER B 57 -15.20 -27.36 -5.95
CA SER B 57 -15.02 -26.75 -7.27
C SER B 57 -15.58 -25.34 -7.31
N MET B 58 -15.08 -24.55 -8.27
CA MET B 58 -15.65 -23.22 -8.44
C MET B 58 -17.08 -23.32 -8.97
N ALA B 59 -17.38 -24.38 -9.73
CA ALA B 59 -18.74 -24.56 -10.22
C ALA B 59 -19.74 -24.67 -9.07
N GLU B 60 -19.34 -25.31 -7.96
CA GLU B 60 -20.19 -25.40 -6.78
C GLU B 60 -20.36 -24.03 -6.12
N VAL B 61 -19.27 -23.25 -6.03
CA VAL B 61 -19.41 -21.89 -5.53
C VAL B 61 -20.45 -21.15 -6.36
N ASP B 62 -20.36 -21.30 -7.69
CA ASP B 62 -21.28 -20.58 -8.57
C ASP B 62 -22.72 -20.99 -8.30
N ALA B 63 -22.96 -22.29 -8.05
CA ALA B 63 -24.32 -22.74 -7.78
C ALA B 63 -24.85 -22.15 -6.48
N ALA B 64 -24.00 -22.09 -5.44
CA ALA B 64 -24.42 -21.46 -4.20
C ALA B 64 -24.76 -20.00 -4.39
N MET B 65 -23.94 -19.25 -5.13
CA MET B 65 -24.17 -17.82 -5.27
C MET B 65 -25.40 -17.54 -6.12
N ALA B 66 -25.72 -18.46 -7.04
CA ALA B 66 -26.95 -18.32 -7.81
C ALA B 66 -28.22 -18.51 -6.98
N ALA B 67 -28.11 -19.05 -5.77
CA ALA B 67 -29.25 -19.38 -4.92
C ALA B 67 -29.39 -18.44 -3.73
N ARG B 68 -28.81 -17.24 -3.83
CA ARG B 68 -29.03 -16.23 -2.82
C ARG B 68 -30.45 -15.64 -2.91
N PRO B 69 -30.93 -15.02 -1.83
CA PRO B 69 -30.26 -14.81 -0.54
C PRO B 69 -30.15 -16.08 0.30
N HIS B 70 -29.16 -16.06 1.18
CA HIS B 70 -28.87 -17.14 2.09
C HIS B 70 -29.25 -16.74 3.51
N SER B 71 -30.01 -17.58 4.17
CA SER B 71 -30.40 -17.38 5.57
C SER B 71 -29.97 -18.60 6.36
N ILE B 72 -29.24 -18.37 7.43
CA ILE B 72 -28.70 -19.45 8.24
C ILE B 72 -29.01 -19.16 9.68
N ASP B 73 -29.62 -20.13 10.37
CA ASP B 73 -29.99 -19.95 11.77
C ASP B 73 -30.78 -18.67 11.98
N GLY B 74 -31.66 -18.38 11.02
CA GLY B 74 -32.58 -17.28 11.18
C GLY B 74 -32.09 -15.92 10.76
N ARG B 75 -30.90 -15.80 10.21
CA ARG B 75 -30.32 -14.51 9.89
C ARG B 75 -29.84 -14.53 8.44
N VAL B 76 -30.20 -13.51 7.66
CA VAL B 76 -29.69 -13.40 6.30
C VAL B 76 -28.22 -13.04 6.38
N VAL B 77 -27.37 -13.84 5.74
CA VAL B 77 -25.95 -13.64 5.76
C VAL B 77 -25.51 -13.05 4.44
N GLU B 78 -24.21 -12.69 4.35
CA GLU B 78 -23.70 -12.03 3.15
C GLU B 78 -22.49 -12.79 2.61
N PRO B 79 -22.71 -13.77 1.72
CA PRO B 79 -21.58 -14.48 1.13
C PRO B 79 -20.88 -13.65 0.08
N LYS B 80 -19.57 -13.81 0.03
CA LYS B 80 -18.70 -13.05 -0.85
C LYS B 80 -17.55 -13.96 -1.26
N ARG B 81 -17.15 -13.87 -2.53
CA ARG B 81 -15.98 -14.63 -2.93
C ARG B 81 -14.81 -14.18 -2.08
N ALA B 82 -13.95 -15.12 -1.78
CA ALA B 82 -12.81 -14.84 -0.91
C ALA B 82 -11.79 -13.93 -1.59
N VAL B 83 -11.35 -12.91 -0.85
CA VAL B 83 -10.28 -11.97 -1.21
C VAL B 83 -8.98 -12.43 -0.55
N ALA B 84 -7.92 -12.56 -1.34
CA ALA B 84 -6.66 -13.09 -0.84
C ALA B 84 -6.14 -12.24 0.31
N ARG B 85 -5.50 -12.91 1.26
CA ARG B 85 -4.87 -12.19 2.37
C ARG B 85 -3.90 -11.11 1.88
N GLU B 86 -3.23 -11.36 0.77
CA GLU B 86 -2.24 -10.40 0.27
C GLU B 86 -2.87 -9.09 -0.13
N GLU B 87 -4.17 -9.05 -0.34
CA GLU B 87 -4.84 -7.79 -0.69
C GLU B 87 -5.16 -6.94 0.54
N SER B 88 -4.98 -7.47 1.75
CA SER B 88 -5.22 -6.67 2.94
C SER B 88 -4.42 -5.37 2.86
N GLY B 89 -5.05 -4.28 3.20
CA GLY B 89 -4.38 -3.01 3.12
C GLY B 89 -4.47 -2.32 1.77
N LYS B 90 -4.95 -2.99 0.71
CA LYS B 90 -5.13 -2.32 -0.57
C LYS B 90 -6.49 -1.64 -0.59
N PRO B 91 -6.61 -0.40 -1.06
CA PRO B 91 -7.91 0.27 -1.00
C PRO B 91 -8.96 -0.48 -1.80
N GLY B 92 -10.12 -0.69 -1.17
CA GLY B 92 -11.22 -1.35 -1.83
C GLY B 92 -11.18 -2.86 -1.86
N ALA B 93 -10.16 -3.48 -1.25
CA ALA B 93 -10.02 -4.94 -1.25
C ALA B 93 -11.30 -5.62 -0.84
N HIS B 94 -11.96 -5.11 0.19
CA HIS B 94 -13.12 -5.80 0.76
C HIS B 94 -14.41 -5.06 0.52
N VAL B 95 -14.42 -4.10 -0.37
CA VAL B 95 -15.62 -3.36 -0.72
C VAL B 95 -16.37 -4.08 -1.83
N THR B 96 -17.70 -4.12 -1.71
CA THR B 96 -18.49 -4.77 -2.73
C THR B 96 -19.12 -3.67 -3.58
N VAL B 97 -18.95 -3.80 -4.90
CA VAL B 97 -19.55 -2.90 -5.88
C VAL B 97 -20.06 -3.68 -7.07
N LYS B 98 -20.97 -3.04 -7.83
CA LYS B 98 -21.56 -3.66 -9.01
C LYS B 98 -20.89 -3.27 -10.32
N LYS B 99 -19.87 -2.43 -10.28
CA LYS B 99 -19.29 -1.85 -11.46
C LYS B 99 -17.80 -2.17 -11.55
N LEU B 100 -17.35 -2.39 -12.78
CA LEU B 100 -16.01 -2.82 -13.13
C LEU B 100 -15.42 -1.86 -14.17
N PHE B 101 -14.16 -1.45 -13.95
CA PHE B 101 -13.34 -0.78 -14.93
C PHE B 101 -12.61 -1.82 -15.76
N VAL B 102 -12.58 -1.63 -17.08
CA VAL B 102 -11.85 -2.48 -18.01
C VAL B 102 -10.89 -1.61 -18.82
N GLY B 103 -9.58 -1.89 -18.68
CA GLY B 103 -8.54 -1.12 -19.34
C GLY B 103 -7.76 -1.94 -20.36
N GLY B 104 -7.07 -1.26 -21.27
CA GLY B 104 -6.27 -1.97 -22.26
C GLY B 104 -7.03 -2.45 -23.48
N ILE B 105 -8.28 -1.98 -23.68
CA ILE B 105 -9.08 -2.45 -24.80
C ILE B 105 -8.85 -1.65 -26.07
N LYS B 106 -8.04 -0.58 -26.01
CA LYS B 106 -7.64 0.16 -27.20
C LYS B 106 -8.84 0.76 -27.92
N GLU B 107 -8.66 1.04 -29.21
CA GLU B 107 -9.65 1.80 -29.97
C GLU B 107 -10.56 0.91 -30.81
N ASP B 108 -10.32 -0.39 -30.85
CA ASP B 108 -11.13 -1.26 -31.71
C ASP B 108 -12.12 -2.11 -30.92
N THR B 109 -12.25 -1.88 -29.62
CA THR B 109 -13.13 -2.70 -28.79
C THR B 109 -14.45 -1.96 -28.58
N GLU B 110 -15.53 -2.62 -28.92
CA GLU B 110 -16.85 -2.04 -28.88
C GLU B 110 -17.68 -2.66 -27.76
N GLU B 111 -18.85 -2.07 -27.53
CA GLU B 111 -19.72 -2.53 -26.45
C GLU B 111 -20.01 -4.02 -26.60
N HIS B 112 -20.26 -4.48 -27.82
CA HIS B 112 -20.66 -5.88 -27.97
C HIS B 112 -19.51 -6.84 -27.63
N HIS B 113 -18.28 -6.39 -27.77
CA HIS B 113 -17.16 -7.23 -27.36
C HIS B 113 -17.18 -7.43 -25.86
N LEU B 114 -17.43 -6.36 -25.10
CA LEU B 114 -17.48 -6.49 -23.66
C LEU B 114 -18.69 -7.30 -23.21
N ARG B 115 -19.84 -7.12 -23.88
CA ARG B 115 -21.02 -7.93 -23.58
C ARG B 115 -20.73 -9.41 -23.80
N ASP B 116 -20.15 -9.74 -24.95
CA ASP B 116 -19.90 -11.15 -25.26
C ASP B 116 -18.92 -11.75 -24.26
N TYR B 117 -17.94 -10.97 -23.84
CA TYR B 117 -16.94 -11.49 -22.94
C TYR B 117 -17.49 -11.66 -21.54
N PHE B 118 -18.25 -10.67 -21.05
CA PHE B 118 -18.59 -10.62 -19.64
C PHE B 118 -19.95 -11.23 -19.33
N GLU B 119 -20.74 -11.55 -20.35
CA GLU B 119 -22.11 -12.05 -20.16
C GLU B 119 -22.16 -13.31 -19.31
N GLU B 120 -21.18 -14.19 -19.43
CA GLU B 120 -21.24 -15.45 -18.70
C GLU B 120 -21.07 -15.27 -17.20
N TYR B 121 -20.59 -14.12 -16.74
CA TYR B 121 -20.35 -13.95 -15.31
C TYR B 121 -21.60 -13.55 -14.56
N GLY B 122 -22.56 -12.93 -15.24
CA GLY B 122 -23.80 -12.52 -14.61
C GLY B 122 -24.55 -11.57 -15.52
N LYS B 123 -25.61 -10.99 -14.95
CA LYS B 123 -26.53 -10.12 -15.68
C LYS B 123 -25.94 -8.72 -15.81
N ILE B 124 -25.74 -8.28 -17.04
CA ILE B 124 -25.16 -6.98 -17.34
C ILE B 124 -26.28 -5.97 -17.42
N ASP B 125 -26.15 -4.89 -16.65
CA ASP B 125 -27.10 -3.78 -16.74
C ASP B 125 -26.65 -2.68 -17.69
N THR B 126 -25.37 -2.34 -17.70
CA THR B 126 -24.87 -1.15 -18.36
C THR B 126 -23.45 -1.41 -18.83
N ILE B 127 -23.17 -1.00 -20.07
CA ILE B 127 -21.82 -1.00 -20.65
C ILE B 127 -21.53 0.36 -21.19
N GLU B 128 -20.40 0.94 -20.78
CA GLU B 128 -20.00 2.26 -21.26
C GLU B 128 -18.58 2.17 -21.82
N ILE B 129 -18.43 2.48 -23.10
CA ILE B 129 -17.12 2.59 -23.75
C ILE B 129 -16.75 4.08 -23.75
N ILE B 130 -15.64 4.44 -23.14
CA ILE B 130 -15.31 5.85 -22.98
C ILE B 130 -14.66 6.40 -24.24
N THR B 131 -15.14 7.56 -24.68
CA THR B 131 -14.57 8.26 -25.82
C THR B 131 -14.25 9.71 -25.45
N ASP B 132 -13.36 10.33 -26.25
CA ASP B 132 -13.04 11.75 -26.08
C ASP B 132 -14.24 12.60 -26.46
N ARG B 133 -14.63 13.51 -25.57
CA ARG B 133 -15.88 14.21 -25.76
C ARG B 133 -15.83 15.22 -26.90
N GLN B 134 -14.62 15.57 -27.39
CA GLN B 134 -14.49 16.54 -28.48
C GLN B 134 -14.22 15.87 -29.82
N SER B 135 -13.33 14.87 -29.83
CA SER B 135 -12.90 14.17 -31.04
C SER B 135 -13.64 12.86 -31.29
N GLY B 136 -14.28 12.28 -30.28
CA GLY B 136 -14.94 11.01 -30.45
C GLY B 136 -14.02 9.80 -30.43
N LYS B 137 -12.71 9.99 -30.36
CA LYS B 137 -11.76 8.89 -30.30
C LYS B 137 -12.03 8.05 -29.05
N LYS B 138 -12.10 6.73 -29.22
CA LYS B 138 -12.11 5.87 -28.05
C LYS B 138 -10.85 6.07 -27.22
N ARG B 139 -11.04 6.10 -25.90
CA ARG B 139 -9.95 6.32 -24.96
C ARG B 139 -9.34 5.04 -24.42
N GLY B 140 -9.86 3.87 -24.80
CA GLY B 140 -9.15 2.62 -24.48
C GLY B 140 -9.57 1.98 -23.17
N PHE B 141 -10.75 2.32 -22.68
CA PHE B 141 -11.26 1.77 -21.44
C PHE B 141 -12.75 2.00 -21.38
N GLY B 142 -13.36 1.26 -20.46
CA GLY B 142 -14.80 1.27 -20.32
C GLY B 142 -15.18 0.76 -18.95
N PHE B 143 -16.48 0.74 -18.73
CA PHE B 143 -17.07 0.29 -17.47
C PHE B 143 -18.22 -0.68 -17.76
N VAL B 144 -18.33 -1.72 -16.96
CA VAL B 144 -19.41 -2.69 -17.04
C VAL B 144 -20.06 -2.77 -15.67
N THR B 145 -21.38 -2.57 -15.65
CA THR B 145 -22.15 -2.62 -14.43
C THR B 145 -23.09 -3.81 -14.49
N PHE B 146 -23.05 -4.66 -13.46
CA PHE B 146 -23.90 -5.83 -13.31
C PHE B 146 -25.03 -5.50 -12.34
N ASP B 147 -26.01 -6.39 -12.28
CA ASP B 147 -27.07 -6.18 -11.30
C ASP B 147 -26.72 -6.67 -9.89
N ASP B 148 -25.50 -7.17 -9.66
CA ASP B 148 -25.10 -7.66 -8.37
C ASP B 148 -23.59 -7.53 -8.28
N HIS B 149 -23.06 -7.55 -7.04
CA HIS B 149 -21.63 -7.48 -6.82
C HIS B 149 -20.91 -8.78 -7.18
N ASP B 150 -21.58 -9.93 -7.14
CA ASP B 150 -20.84 -11.17 -7.29
C ASP B 150 -20.15 -11.32 -8.64
N PRO B 151 -20.75 -10.97 -9.79
CA PRO B 151 -19.99 -11.07 -11.03
C PRO B 151 -18.71 -10.25 -10.98
N VAL B 152 -18.76 -9.06 -10.39
CA VAL B 152 -17.55 -8.24 -10.30
C VAL B 152 -16.51 -8.91 -9.44
N ASP B 153 -16.96 -9.41 -8.29
CA ASP B 153 -16.04 -10.14 -7.40
C ASP B 153 -15.36 -11.30 -8.12
N LYS B 154 -16.12 -12.10 -8.86
CA LYS B 154 -15.55 -13.24 -9.55
C LYS B 154 -14.57 -12.79 -10.63
N ILE B 155 -14.96 -11.75 -11.38
CA ILE B 155 -14.10 -11.26 -12.46
C ILE B 155 -12.77 -10.79 -11.92
N VAL B 156 -12.78 -9.99 -10.85
CA VAL B 156 -11.53 -9.40 -10.37
C VAL B 156 -10.68 -10.36 -9.56
N LEU B 157 -11.17 -11.57 -9.28
CA LEU B 157 -10.24 -12.60 -8.85
C LEU B 157 -9.06 -12.73 -9.80
N GLN B 158 -9.27 -12.47 -11.09
CA GLN B 158 -8.26 -12.60 -12.14
C GLN B 158 -8.02 -11.20 -12.71
N LYS B 159 -6.85 -10.61 -12.45
CA LYS B 159 -6.64 -9.22 -12.86
C LYS B 159 -6.58 -9.06 -14.37
N TYR B 160 -5.95 -10.01 -15.04
CA TYR B 160 -5.66 -9.91 -16.46
C TYR B 160 -6.59 -10.82 -17.24
N HIS B 161 -7.22 -10.24 -18.24
CA HIS B 161 -8.15 -10.91 -19.12
C HIS B 161 -7.78 -10.62 -20.55
N THR B 162 -7.94 -11.61 -21.44
CA THR B 162 -7.79 -11.39 -22.86
C THR B 162 -9.16 -11.07 -23.47
N ILE B 163 -9.29 -9.85 -24.01
CA ILE B 163 -10.57 -9.32 -24.46
C ILE B 163 -10.35 -8.74 -25.86
N ASN B 164 -11.11 -9.24 -26.83
CA ASN B 164 -11.01 -8.73 -28.21
C ASN B 164 -9.56 -8.73 -28.71
N GLY B 165 -8.83 -9.77 -28.35
CA GLY B 165 -7.43 -9.92 -28.74
C GLY B 165 -6.42 -9.04 -28.01
N HIS B 166 -6.82 -8.40 -26.91
CA HIS B 166 -5.94 -7.50 -26.18
C HIS B 166 -5.70 -8.08 -24.79
N ASN B 167 -4.46 -7.93 -24.30
CA ASN B 167 -4.16 -8.06 -22.87
C ASN B 167 -4.89 -6.92 -22.18
N ALA B 168 -6.00 -7.22 -21.52
CA ALA B 168 -6.75 -6.23 -20.80
C ALA B 168 -6.59 -6.46 -19.30
N GLU B 169 -7.11 -5.52 -18.53
CA GLU B 169 -7.02 -5.46 -17.09
C GLU B 169 -8.38 -5.10 -16.55
N VAL B 170 -8.79 -5.71 -15.43
CA VAL B 170 -10.04 -5.32 -14.76
C VAL B 170 -9.74 -4.78 -13.37
N ARG B 171 -10.58 -3.84 -12.94
CA ARG B 171 -10.44 -3.23 -11.62
C ARG B 171 -11.82 -2.97 -11.06
N LYS B 172 -12.01 -3.18 -9.76
CA LYS B 172 -13.23 -2.64 -9.13
C LYS B 172 -13.31 -1.14 -9.32
N ALA B 173 -14.50 -0.68 -9.74
CA ALA B 173 -14.75 0.75 -9.89
C ALA B 173 -15.18 1.32 -8.54
N LEU B 174 -14.31 2.09 -7.88
CA LEU B 174 -14.63 2.72 -6.60
C LEU B 174 -14.42 4.23 -6.66
N SER B 175 -15.28 4.99 -5.95
CA SER B 175 -14.97 6.44 -5.76
C SER B 175 -13.94 6.66 -4.66
N ARG B 176 -13.47 7.93 -4.49
CA ARG B 176 -12.49 8.16 -3.44
C ARG B 176 -13.10 8.27 -2.05
N GLN B 177 -14.43 8.34 -1.97
CA GLN B 177 -15.19 8.24 -0.71
C GLN B 177 -15.60 6.81 -0.35
N GLU B 178 -15.26 5.81 -1.19
CA GLU B 178 -15.65 4.41 -0.97
C GLU B 178 -14.45 3.52 -0.75
N MET B 179 -13.25 4.07 -0.70
CA MET B 179 -12.04 3.26 -0.55
C MET B 179 -11.03 3.98 0.33
N ARG C 1 2.59 20.90 -23.60
CA ARG C 1 3.71 20.68 -22.70
C ARG C 1 3.27 19.79 -21.52
N GLU C 2 4.14 18.86 -21.11
CA GLU C 2 3.83 17.99 -19.97
C GLU C 2 3.78 18.79 -18.67
N LYS C 3 3.07 18.26 -17.67
CA LYS C 3 3.08 18.96 -16.39
C LYS C 3 4.45 18.82 -15.72
N GLU C 4 4.68 19.68 -14.72
CA GLU C 4 6.01 19.83 -14.15
C GLU C 4 6.58 18.51 -13.64
N GLN C 5 5.75 17.62 -13.10
CA GLN C 5 6.32 16.42 -12.51
C GLN C 5 7.20 15.68 -13.50
N PHE C 6 6.84 15.70 -14.80
CA PHE C 6 7.60 14.98 -15.80
C PHE C 6 8.78 15.78 -16.35
N ARG C 7 8.97 17.01 -15.89
CA ARG C 7 10.10 17.85 -16.24
C ARG C 7 11.02 18.09 -15.06
N LYS C 8 10.87 17.32 -13.99
CA LYS C 8 11.47 17.62 -12.71
C LYS C 8 12.52 16.57 -12.38
N LEU C 9 13.66 17.03 -11.87
CA LEU C 9 14.72 16.17 -11.38
C LEU C 9 14.87 16.36 -9.87
N PHE C 10 14.96 15.25 -9.17
CA PHE C 10 15.50 15.15 -7.81
C PHE C 10 17.03 15.23 -7.87
N ILE C 11 17.62 16.11 -7.09
CA ILE C 11 19.07 16.26 -7.07
C ILE C 11 19.53 15.78 -5.72
N GLY C 12 20.11 14.58 -5.67
CA GLY C 12 20.54 13.97 -4.41
C GLY C 12 21.99 14.26 -4.06
N GLY C 13 22.26 14.33 -2.76
CA GLY C 13 23.62 14.46 -2.27
C GLY C 13 24.23 15.83 -2.45
N LEU C 14 23.42 16.88 -2.37
CA LEU C 14 23.91 18.25 -2.41
C LEU C 14 24.87 18.52 -1.26
N SER C 15 25.90 19.31 -1.53
CA SER C 15 26.64 19.96 -0.47
C SER C 15 25.69 20.78 0.39
N PHE C 16 25.87 20.73 1.72
CA PHE C 16 25.00 21.50 2.60
C PHE C 16 25.15 23.01 2.38
N GLU C 17 26.19 23.44 1.65
CA GLU C 17 26.34 24.84 1.28
C GLU C 17 25.56 25.23 0.03
N THR C 18 25.03 24.30 -0.74
CA THR C 18 24.38 24.67 -1.98
C THR C 18 23.05 25.35 -1.68
N THR C 19 22.79 26.43 -2.40
CA THR C 19 21.59 27.27 -2.23
C THR C 19 20.72 27.18 -3.48
N GLU C 20 19.46 27.64 -3.34
CA GLU C 20 18.61 27.71 -4.53
C GLU C 20 19.33 28.48 -5.63
N GLU C 21 19.99 29.57 -5.27
CA GLU C 21 20.73 30.34 -6.26
C GLU C 21 21.82 29.51 -6.95
N SER C 22 22.67 28.81 -6.19
CA SER C 22 23.74 28.06 -6.84
C SER C 22 23.20 26.82 -7.57
N LEU C 23 22.13 26.21 -7.05
CA LEU C 23 21.51 25.07 -7.76
C LEU C 23 20.91 25.52 -9.10
N ARG C 24 20.17 26.64 -9.09
CA ARG C 24 19.61 27.20 -10.32
C ARG C 24 20.70 27.58 -11.32
N ASN C 25 21.74 28.28 -10.85
CA ASN C 25 22.80 28.69 -11.76
C ASN C 25 23.42 27.50 -12.45
N TYR C 26 23.52 26.38 -11.74
CA TYR C 26 24.11 25.21 -12.36
C TYR C 26 23.17 24.59 -13.39
N TYR C 27 21.91 24.29 -13.02
CA TYR C 27 21.08 23.59 -13.99
C TYR C 27 20.58 24.48 -15.12
N GLU C 28 20.62 25.79 -14.97
CA GLU C 28 20.25 26.65 -16.09
C GLU C 28 21.18 26.50 -17.28
N GLN C 29 22.35 25.88 -17.13
CA GLN C 29 23.12 25.71 -18.33
C GLN C 29 22.42 24.83 -19.38
N TRP C 30 21.36 24.08 -19.00
CA TRP C 30 20.62 23.26 -19.96
C TRP C 30 19.24 23.81 -20.29
N GLY C 31 18.88 24.98 -19.79
CA GLY C 31 17.61 25.57 -20.15
C GLY C 31 17.00 26.34 -18.99
N LYS C 32 15.81 26.88 -19.27
CA LYS C 32 15.09 27.69 -18.30
C LYS C 32 14.44 26.80 -17.26
N LEU C 33 14.57 27.16 -15.99
CA LEU C 33 13.91 26.42 -14.91
C LEU C 33 12.62 27.13 -14.53
N THR C 34 11.53 26.36 -14.42
CA THR C 34 10.27 26.88 -13.90
C THR C 34 10.14 26.68 -12.40
N ASP C 35 11.05 25.93 -11.77
CA ASP C 35 11.06 25.74 -10.33
C ASP C 35 12.46 25.27 -9.97
N CYS C 36 12.85 25.60 -8.75
CA CYS C 36 14.12 25.21 -8.19
C CYS C 36 14.05 25.40 -6.69
N VAL C 37 14.41 24.35 -5.93
CA VAL C 37 14.24 24.39 -4.47
C VAL C 37 15.33 23.50 -3.87
N VAL C 38 15.99 24.01 -2.81
CA VAL C 38 16.80 23.20 -1.90
C VAL C 38 15.97 22.95 -0.66
N MET C 39 15.82 21.68 -0.29
CA MET C 39 14.97 21.31 0.81
C MET C 39 15.74 21.50 2.10
N ARG C 40 15.05 22.03 3.10
CA ARG C 40 15.71 22.45 4.34
C ARG C 40 14.87 22.03 5.54
N ASP C 41 15.57 21.84 6.65
CA ASP C 41 14.89 21.61 7.91
C ASP C 41 14.09 22.85 8.26
N PRO C 42 12.77 22.77 8.47
CA PRO C 42 12.00 23.99 8.76
C PRO C 42 12.50 24.73 10.00
N ALA C 43 12.91 24.00 11.04
CA ALA C 43 13.34 24.63 12.29
C ALA C 43 14.69 25.34 12.15
N SER C 44 15.71 24.62 11.72
CA SER C 44 17.07 25.16 11.71
C SER C 44 17.44 25.83 10.40
N LYS C 45 16.66 25.60 9.34
CA LYS C 45 16.96 26.06 7.99
C LYS C 45 18.19 25.40 7.40
N ARG C 46 18.73 24.38 8.04
CA ARG C 46 19.87 23.68 7.46
C ARG C 46 19.41 22.85 6.26
N SER C 47 20.27 22.77 5.25
CA SER C 47 20.00 21.94 4.08
C SER C 47 19.83 20.48 4.44
N ARG C 48 18.84 19.83 3.83
CA ARG C 48 18.67 18.39 3.96
C ARG C 48 19.51 17.62 2.92
N GLY C 49 20.27 18.33 2.10
CA GLY C 49 21.16 17.65 1.19
C GLY C 49 20.54 17.18 -0.11
N PHE C 50 19.38 17.72 -0.46
CA PHE C 50 18.81 17.44 -1.76
C PHE C 50 17.92 18.60 -2.15
N GLY C 51 17.51 18.56 -3.40
CA GLY C 51 16.55 19.52 -3.87
C GLY C 51 15.95 19.08 -5.18
N PHE C 52 15.23 19.99 -5.81
CA PHE C 52 14.63 19.71 -7.11
C PHE C 52 14.83 20.88 -8.07
N VAL C 53 14.91 20.53 -9.36
CA VAL C 53 14.89 21.50 -10.46
C VAL C 53 13.87 21.02 -11.48
N THR C 54 13.12 21.97 -12.05
CA THR C 54 12.09 21.67 -13.04
C THR C 54 12.40 22.51 -14.27
N PHE C 55 12.62 21.83 -15.40
CA PHE C 55 12.96 22.48 -16.66
C PHE C 55 11.68 22.84 -17.40
N SER C 56 11.83 23.73 -18.41
CA SER C 56 10.69 24.21 -19.17
C SER C 56 10.24 23.23 -20.24
N SER C 57 11.00 22.16 -20.52
CA SER C 57 10.64 21.16 -21.51
C SER C 57 11.31 19.84 -21.17
N MET C 58 10.71 18.76 -21.70
CA MET C 58 11.32 17.44 -21.58
C MET C 58 12.70 17.39 -22.22
N ALA C 59 12.88 18.06 -23.35
CA ALA C 59 14.16 18.00 -24.05
C ALA C 59 15.28 18.53 -23.17
N GLU C 60 14.97 19.55 -22.36
CA GLU C 60 15.98 20.15 -21.50
C GLU C 60 16.36 19.17 -20.39
N VAL C 61 15.38 18.47 -19.80
CA VAL C 61 15.70 17.45 -18.79
C VAL C 61 16.66 16.41 -19.38
N ASP C 62 16.36 15.93 -20.59
CA ASP C 62 17.18 14.88 -21.19
C ASP C 62 18.60 15.38 -21.44
N ALA C 63 18.71 16.63 -21.87
CA ALA C 63 20.02 17.19 -22.12
C ALA C 63 20.84 17.27 -20.85
N ALA C 64 20.21 17.70 -19.75
CA ALA C 64 20.92 17.71 -18.47
C ALA C 64 21.38 16.31 -18.09
N MET C 65 20.51 15.31 -18.21
CA MET C 65 20.91 13.98 -17.80
C MET C 65 21.96 13.41 -18.73
N ALA C 66 21.92 13.81 -20.01
CA ALA C 66 22.94 13.33 -20.93
C ALA C 66 24.32 13.90 -20.61
N ALA C 67 24.40 14.95 -19.80
CA ALA C 67 25.65 15.63 -19.46
C ALA C 67 26.18 15.26 -18.08
N ARG C 68 25.70 14.16 -17.50
CA ARG C 68 26.25 13.68 -16.25
C ARG C 68 27.72 13.28 -16.50
N PRO C 69 28.57 13.27 -15.44
CA PRO C 69 28.28 13.59 -14.04
C PRO C 69 28.12 15.07 -13.77
N HIS C 70 27.40 15.40 -12.71
CA HIS C 70 27.15 16.78 -12.28
C HIS C 70 27.85 17.05 -10.96
N SER C 71 28.62 18.13 -10.93
CA SER C 71 29.31 18.53 -9.72
C SER C 71 28.88 19.96 -9.42
N ILE C 72 28.44 20.21 -8.19
CA ILE C 72 27.89 21.48 -7.79
C ILE C 72 28.50 21.86 -6.47
N ASP C 73 29.13 23.02 -6.40
CA ASP C 73 29.73 23.46 -5.15
C ASP C 73 30.71 22.42 -4.60
N GLY C 74 31.44 21.76 -5.51
CA GLY C 74 32.49 20.86 -5.10
C GLY C 74 32.10 19.46 -4.69
N ARG C 75 30.85 19.04 -4.94
CA ARG C 75 30.42 17.68 -4.64
C ARG C 75 29.72 17.10 -5.87
N VAL C 76 29.99 15.84 -6.15
CA VAL C 76 29.28 15.16 -7.22
C VAL C 76 27.90 14.75 -6.71
N VAL C 77 26.87 15.20 -7.40
CA VAL C 77 25.50 14.99 -6.99
C VAL C 77 24.89 13.89 -7.85
N GLU C 78 23.70 13.42 -7.50
CA GLU C 78 23.08 12.32 -8.22
C GLU C 78 21.70 12.79 -8.69
N PRO C 79 21.57 13.28 -9.92
CA PRO C 79 20.25 13.67 -10.41
C PRO C 79 19.45 12.44 -10.81
N LYS C 80 18.15 12.50 -10.55
CA LYS C 80 17.22 11.43 -10.89
C LYS C 80 15.90 12.01 -11.36
N ARG C 81 15.25 11.34 -12.31
CA ARG C 81 13.86 11.69 -12.62
C ARG C 81 13.04 11.65 -11.34
N ALA C 82 12.23 12.68 -11.09
CA ALA C 82 11.51 12.77 -9.85
C ALA C 82 10.42 11.72 -9.75
N VAL C 83 10.43 10.97 -8.67
CA VAL C 83 9.40 9.99 -8.37
C VAL C 83 8.26 10.70 -7.64
N ALA C 84 7.04 10.56 -8.15
CA ALA C 84 5.91 11.32 -7.64
C ALA C 84 5.64 11.00 -6.19
N ARG C 85 5.19 12.03 -5.45
CA ARG C 85 4.84 11.83 -4.06
C ARG C 85 3.81 10.71 -3.85
N GLU C 86 2.90 10.53 -4.80
CA GLU C 86 1.89 9.48 -4.64
C GLU C 86 2.47 8.07 -4.62
N GLU C 87 3.72 7.88 -5.06
CA GLU C 87 4.39 6.57 -5.03
C GLU C 87 4.98 6.27 -3.64
N SER C 88 4.93 7.22 -2.73
CA SER C 88 5.54 7.00 -1.43
C SER C 88 4.90 5.81 -0.73
N GLY C 89 5.75 4.97 -0.19
CA GLY C 89 5.28 3.79 0.50
C GLY C 89 5.20 2.55 -0.36
N LYS C 90 5.41 2.67 -1.62
CA LYS C 90 5.44 1.51 -2.50
C LYS C 90 6.83 0.88 -2.48
N PRO C 91 6.96 -0.44 -2.40
CA PRO C 91 8.31 -1.05 -2.51
C PRO C 91 9.09 -0.58 -3.74
N GLY C 92 10.33 -0.18 -3.49
CA GLY C 92 11.21 0.23 -4.53
C GLY C 92 10.96 1.61 -5.10
N ALA C 93 10.03 2.36 -4.55
CA ALA C 93 9.70 3.67 -5.16
C ALA C 93 10.92 4.53 -5.40
N HIS C 94 11.85 4.56 -4.43
CA HIS C 94 13.03 5.42 -4.51
C HIS C 94 14.32 4.68 -4.72
N VAL C 95 14.27 3.38 -5.06
CA VAL C 95 15.48 2.62 -5.35
C VAL C 95 15.95 2.92 -6.75
N THR C 96 17.26 3.08 -6.91
CA THR C 96 17.83 3.37 -8.22
C THR C 96 18.47 2.10 -8.72
N VAL C 97 17.93 1.59 -9.81
CA VAL C 97 18.38 0.34 -10.42
C VAL C 97 18.47 0.46 -11.93
N LYS C 98 19.22 -0.46 -12.50
CA LYS C 98 19.45 -0.47 -13.94
C LYS C 98 18.58 -1.51 -14.65
N LYS C 99 17.70 -2.19 -13.92
CA LYS C 99 16.97 -3.34 -14.47
C LYS C 99 15.47 -3.08 -14.44
N LEU C 100 14.82 -3.55 -15.50
CA LEU C 100 13.40 -3.37 -15.77
C LEU C 100 12.73 -4.73 -15.93
N PHE C 101 11.59 -4.94 -15.26
CA PHE C 101 10.68 -6.04 -15.50
C PHE C 101 9.71 -5.67 -16.61
N VAL C 102 9.47 -6.62 -17.52
CA VAL C 102 8.52 -6.46 -18.60
C VAL C 102 7.53 -7.62 -18.55
N GLY C 103 6.26 -7.30 -18.37
CA GLY C 103 5.21 -8.33 -18.29
C GLY C 103 4.18 -8.27 -19.41
N GLY C 104 3.41 -9.37 -19.58
CA GLY C 104 2.40 -9.36 -20.63
C GLY C 104 2.87 -9.75 -22.03
N ILE C 105 4.12 -10.24 -22.16
CA ILE C 105 4.71 -10.51 -23.47
C ILE C 105 4.43 -11.92 -23.96
N LYS C 106 3.75 -12.75 -23.18
CA LYS C 106 3.25 -14.06 -23.58
C LYS C 106 4.40 -14.94 -24.09
N GLU C 107 4.10 -15.87 -25.03
CA GLU C 107 5.06 -16.91 -25.39
C GLU C 107 5.68 -16.71 -26.77
N ASP C 108 5.34 -15.63 -27.47
CA ASP C 108 5.93 -15.35 -28.76
C ASP C 108 6.90 -14.17 -28.76
N THR C 109 7.27 -13.66 -27.61
CA THR C 109 8.19 -12.54 -27.51
C THR C 109 9.56 -13.07 -27.11
N GLU C 110 10.53 -12.81 -27.96
CA GLU C 110 11.90 -13.23 -27.80
C GLU C 110 12.78 -12.08 -27.34
N GLU C 111 14.01 -12.42 -27.02
CA GLU C 111 14.96 -11.41 -26.57
C GLU C 111 15.05 -10.24 -27.54
N HIS C 112 15.16 -10.54 -28.84
CA HIS C 112 15.40 -9.46 -29.79
C HIS C 112 14.22 -8.52 -29.88
N HIS C 113 13.01 -9.02 -29.57
CA HIS C 113 11.85 -8.12 -29.56
C HIS C 113 11.99 -7.07 -28.46
N LEU C 114 12.40 -7.49 -27.28
CA LEU C 114 12.62 -6.53 -26.22
C LEU C 114 13.74 -5.56 -26.59
N ARG C 115 14.82 -6.07 -27.18
CA ARG C 115 15.95 -5.24 -27.59
C ARG C 115 15.53 -4.20 -28.60
N ASP C 116 14.75 -4.62 -29.60
CA ASP C 116 14.32 -3.69 -30.65
C ASP C 116 13.47 -2.58 -30.07
N TYR C 117 12.60 -2.93 -29.10
CA TYR C 117 11.77 -1.93 -28.46
C TYR C 117 12.56 -0.99 -27.58
N PHE C 118 13.40 -1.51 -26.68
CA PHE C 118 13.98 -0.68 -25.62
C PHE C 118 15.31 -0.03 -26.00
N GLU C 119 15.95 -0.45 -27.08
CA GLU C 119 17.29 0.07 -27.31
C GLU C 119 17.28 1.56 -27.60
N GLU C 120 16.16 2.13 -28.03
CA GLU C 120 16.16 3.58 -28.24
C GLU C 120 16.22 4.34 -26.92
N TYR C 121 15.87 3.71 -25.80
CA TYR C 121 15.95 4.41 -24.53
C TYR C 121 17.33 4.46 -23.94
N GLY C 122 18.25 3.62 -24.37
CA GLY C 122 19.56 3.63 -23.78
C GLY C 122 20.28 2.35 -24.08
N LYS C 123 21.54 2.30 -23.65
CA LYS C 123 22.38 1.14 -23.91
C LYS C 123 21.96 -0.04 -23.04
N ILE C 124 21.75 -1.17 -23.68
CA ILE C 124 21.25 -2.38 -23.03
C ILE C 124 22.41 -3.33 -22.86
N ASP C 125 22.63 -3.72 -21.60
CA ASP C 125 23.67 -4.68 -21.26
C ASP C 125 23.22 -6.12 -21.42
N THR C 126 22.05 -6.50 -20.87
CA THR C 126 21.58 -7.84 -21.07
C THR C 126 20.06 -7.88 -21.06
N ILE C 127 19.53 -8.94 -21.66
CA ILE C 127 18.09 -9.21 -21.68
C ILE C 127 17.89 -10.66 -21.24
N GLU C 128 16.87 -10.88 -20.40
CA GLU C 128 16.53 -12.25 -19.97
C GLU C 128 15.05 -12.47 -20.26
N ILE C 129 14.71 -13.51 -21.02
CA ILE C 129 13.33 -13.93 -21.21
C ILE C 129 13.12 -15.14 -20.31
N ILE C 130 12.19 -15.05 -19.38
CA ILE C 130 12.07 -16.09 -18.35
C ILE C 130 11.29 -17.27 -18.92
N THR C 131 11.80 -18.48 -18.67
CA THR C 131 11.19 -19.74 -19.08
C THR C 131 11.06 -20.61 -17.84
N ASP C 132 10.19 -21.61 -17.94
CA ASP C 132 10.02 -22.65 -16.91
C ASP C 132 11.08 -23.69 -17.11
N ARG C 133 11.87 -23.98 -16.06
CA ARG C 133 13.01 -24.89 -16.21
C ARG C 133 12.54 -26.31 -16.47
N GLN C 134 11.30 -26.68 -16.14
CA GLN C 134 10.92 -28.07 -16.39
C GLN C 134 10.18 -28.22 -17.72
N SER C 135 9.23 -27.32 -17.99
CA SER C 135 8.45 -27.44 -19.21
C SER C 135 9.14 -26.80 -20.39
N GLY C 136 10.07 -25.88 -20.15
CA GLY C 136 10.75 -25.13 -21.19
C GLY C 136 9.97 -23.95 -21.76
N LYS C 137 8.70 -23.82 -21.39
CA LYS C 137 7.85 -22.82 -21.97
C LYS C 137 8.29 -21.44 -21.46
N LYS C 138 8.14 -20.46 -22.33
CA LYS C 138 8.18 -19.07 -21.89
C LYS C 138 7.09 -18.80 -20.84
N ARG C 139 7.45 -18.02 -19.81
CA ARG C 139 6.50 -17.69 -18.74
C ARG C 139 5.81 -16.35 -18.95
N GLY C 140 6.10 -15.62 -20.02
CA GLY C 140 5.42 -14.39 -20.35
C GLY C 140 5.95 -13.15 -19.69
N PHE C 141 7.21 -13.14 -19.32
CA PHE C 141 7.82 -11.92 -18.82
C PHE C 141 9.33 -12.05 -18.95
N GLY C 142 10.00 -10.89 -18.82
CA GLY C 142 11.45 -10.84 -18.94
C GLY C 142 11.98 -9.58 -18.29
N PHE C 143 13.29 -9.46 -18.39
CA PHE C 143 14.00 -8.36 -17.76
C PHE C 143 14.96 -7.76 -18.76
N VAL C 144 15.11 -6.44 -18.66
CA VAL C 144 16.05 -5.69 -19.49
C VAL C 144 16.96 -4.94 -18.53
N THR C 145 18.27 -5.12 -18.69
CA THR C 145 19.25 -4.45 -17.85
C THR C 145 20.00 -3.46 -18.71
N PHE C 146 19.93 -2.21 -18.31
CA PHE C 146 20.64 -1.14 -18.99
C PHE C 146 22.01 -0.89 -18.33
N ASP C 147 22.84 -0.08 -19.00
CA ASP C 147 24.08 0.33 -18.39
C ASP C 147 23.93 1.52 -17.46
N ASP C 148 22.75 2.11 -17.35
CA ASP C 148 22.55 3.23 -16.44
C ASP C 148 21.13 3.15 -15.90
N HIS C 149 20.88 3.78 -14.76
CA HIS C 149 19.55 3.79 -14.17
C HIS C 149 18.59 4.72 -14.91
N ASP C 150 19.08 5.75 -15.60
CA ASP C 150 18.15 6.76 -16.10
C ASP C 150 17.16 6.20 -17.12
N PRO C 151 17.54 5.33 -18.05
CA PRO C 151 16.53 4.74 -18.93
C PRO C 151 15.39 4.07 -18.16
N VAL C 152 15.70 3.27 -17.13
CA VAL C 152 14.65 2.65 -16.30
C VAL C 152 13.73 3.70 -15.72
N ASP C 153 14.34 4.74 -15.14
CA ASP C 153 13.55 5.78 -14.51
C ASP C 153 12.60 6.44 -15.49
N LYS C 154 13.09 6.72 -16.69
CA LYS C 154 12.23 7.35 -17.69
C LYS C 154 11.17 6.39 -18.17
N ILE C 155 11.56 5.16 -18.47
CA ILE C 155 10.59 4.16 -18.98
C ILE C 155 9.41 4.01 -18.04
N VAL C 156 9.64 3.86 -16.73
CA VAL C 156 8.56 3.50 -15.81
C VAL C 156 7.65 4.66 -15.52
N LEU C 157 7.93 5.81 -16.10
CA LEU C 157 6.93 6.88 -16.01
C LEU C 157 5.74 6.56 -16.91
N GLN C 158 5.92 5.65 -17.86
CA GLN C 158 4.84 5.15 -18.70
C GLN C 158 4.65 3.65 -18.39
N LYS C 159 3.55 3.31 -17.71
CA LYS C 159 3.39 1.93 -17.26
C LYS C 159 3.18 0.94 -18.41
N TYR C 160 2.39 1.32 -19.42
CA TYR C 160 1.94 0.43 -20.47
C TYR C 160 2.62 0.78 -21.78
N HIS C 161 3.15 -0.27 -22.45
CA HIS C 161 3.92 -0.18 -23.68
C HIS C 161 3.41 -1.22 -24.67
N THR C 162 3.34 -0.87 -25.95
CA THR C 162 3.01 -1.84 -27.00
C THR C 162 4.27 -2.53 -27.50
N ILE C 163 4.42 -3.82 -27.18
CA ILE C 163 5.61 -4.58 -27.55
C ILE C 163 5.18 -5.86 -28.24
N ASN C 164 5.70 -6.07 -29.45
CA ASN C 164 5.54 -7.32 -30.19
C ASN C 164 4.08 -7.72 -30.27
N GLY C 165 3.22 -6.75 -30.55
CA GLY C 165 1.81 -7.05 -30.69
C GLY C 165 1.04 -7.17 -29.39
N HIS C 166 1.66 -6.85 -28.25
CA HIS C 166 1.05 -7.06 -26.94
C HIS C 166 0.94 -5.74 -26.20
N ASN C 167 -0.15 -5.62 -25.43
CA ASN C 167 -0.24 -4.65 -24.35
C ASN C 167 0.66 -5.14 -23.24
N ALA C 168 1.89 -4.62 -23.18
CA ALA C 168 2.83 -5.00 -22.13
C ALA C 168 2.83 -3.94 -21.04
N GLU C 169 3.39 -4.32 -19.91
CA GLU C 169 3.53 -3.52 -18.72
C GLU C 169 4.99 -3.51 -18.28
N VAL C 170 5.50 -2.37 -17.81
CA VAL C 170 6.87 -2.29 -17.28
C VAL C 170 6.84 -1.96 -15.81
N ARG C 171 7.80 -2.52 -15.08
CA ARG C 171 7.99 -2.23 -13.67
C ARG C 171 9.47 -2.17 -13.37
N LYS C 172 9.85 -1.28 -12.46
CA LYS C 172 11.21 -1.30 -11.98
C LYS C 172 11.53 -2.68 -11.35
N ALA C 173 12.68 -3.28 -11.71
CA ALA C 173 12.97 -4.63 -11.21
C ALA C 173 13.44 -4.59 -9.77
N LEU C 174 12.84 -5.44 -8.94
CA LEU C 174 13.11 -5.52 -7.53
C LEU C 174 13.66 -6.91 -7.22
N SER C 175 14.62 -6.97 -6.29
CA SER C 175 15.14 -8.24 -5.83
C SER C 175 14.08 -8.93 -4.94
N ARG C 176 14.30 -10.21 -4.65
CA ARG C 176 13.45 -10.89 -3.64
C ARG C 176 13.35 -10.15 -2.32
N GLN C 177 14.46 -9.63 -1.84
CA GLN C 177 14.45 -8.91 -0.57
C GLN C 177 13.62 -7.63 -0.57
N GLU C 178 13.39 -7.05 -1.76
CA GLU C 178 12.68 -5.80 -1.92
C GLU C 178 11.19 -6.02 -2.17
N MET C 179 10.80 -7.21 -2.58
CA MET C 179 9.43 -7.58 -2.99
C MET C 179 8.64 -8.31 -1.98
N ARG D 1 4.90 30.58 9.85
CA ARG D 1 3.60 30.06 9.49
C ARG D 1 3.72 28.56 9.26
N GLU D 2 2.59 27.85 9.30
CA GLU D 2 2.62 26.43 9.03
C GLU D 2 2.96 26.19 7.55
N LYS D 3 3.29 24.95 7.25
CA LYS D 3 3.57 24.64 5.86
C LYS D 3 2.30 24.78 5.00
N GLU D 4 2.50 24.89 3.68
CA GLU D 4 1.38 25.08 2.76
C GLU D 4 0.26 24.09 3.03
N GLN D 5 0.59 22.81 3.18
CA GLN D 5 -0.47 21.80 3.28
C GLN D 5 -1.45 22.13 4.40
N PHE D 6 -0.95 22.68 5.50
CA PHE D 6 -1.84 23.01 6.63
C PHE D 6 -2.55 24.33 6.49
N ARG D 7 -2.23 25.10 5.46
CA ARG D 7 -2.95 26.33 5.14
C ARG D 7 -3.90 26.16 3.97
N LYS D 8 -4.05 24.93 3.46
CA LYS D 8 -4.71 24.67 2.18
C LYS D 8 -6.00 23.89 2.31
N LEU D 9 -7.00 24.31 1.54
CA LEU D 9 -8.26 23.60 1.44
C LEU D 9 -8.46 23.06 0.02
N PHE D 10 -8.86 21.79 -0.06
CA PHE D 10 -9.48 21.20 -1.23
C PHE D 10 -10.94 21.62 -1.24
N ILE D 11 -11.40 22.16 -2.36
CA ILE D 11 -12.77 22.60 -2.48
C ILE D 11 -13.44 21.67 -3.47
N GLY D 12 -14.27 20.76 -2.95
CA GLY D 12 -14.89 19.76 -3.80
C GLY D 12 -16.28 20.18 -4.29
N GLY D 13 -16.62 19.72 -5.48
CA GLY D 13 -17.97 19.88 -5.97
C GLY D 13 -18.25 21.27 -6.50
N LEU D 14 -17.24 21.91 -7.10
CA LEU D 14 -17.45 23.22 -7.67
C LEU D 14 -18.50 23.24 -8.77
N SER D 15 -19.29 24.31 -8.76
CA SER D 15 -20.02 24.63 -9.96
C SER D 15 -19.01 24.76 -11.08
N PHE D 16 -19.36 24.22 -12.25
CA PHE D 16 -18.48 24.36 -13.38
C PHE D 16 -18.39 25.85 -13.81
N GLU D 17 -19.27 26.75 -13.34
CA GLU D 17 -19.05 28.16 -13.70
C GLU D 17 -17.96 28.84 -12.85
N THR D 18 -17.39 28.14 -11.87
CA THR D 18 -16.50 28.81 -10.94
C THR D 18 -15.11 28.97 -11.55
N THR D 19 -14.55 30.15 -11.40
CA THR D 19 -13.23 30.51 -11.90
C THR D 19 -12.31 30.76 -10.73
N GLU D 20 -11.01 30.92 -11.02
CA GLU D 20 -10.11 31.29 -9.97
C GLU D 20 -10.54 32.61 -9.33
N GLU D 21 -10.99 33.55 -10.14
CA GLU D 21 -11.38 34.85 -9.61
C GLU D 21 -12.57 34.73 -8.67
N SER D 22 -13.60 33.94 -9.03
CA SER D 22 -14.75 33.84 -8.14
C SER D 22 -14.43 33.02 -6.92
N LEU D 23 -13.59 31.98 -7.06
CA LEU D 23 -13.20 31.18 -5.91
C LEU D 23 -12.40 32.03 -4.92
N ARG D 24 -11.46 32.83 -5.45
CA ARG D 24 -10.63 33.71 -4.63
C ARG D 24 -11.50 34.76 -3.96
N ASN D 25 -12.40 35.35 -4.73
CA ASN D 25 -13.22 36.41 -4.16
C ASN D 25 -14.03 35.89 -2.99
N TYR D 26 -14.53 34.63 -3.08
CA TYR D 26 -15.32 34.06 -2.02
C TYR D 26 -14.47 33.84 -0.77
N TYR D 27 -13.36 33.10 -0.91
CA TYR D 27 -12.60 32.71 0.28
C TYR D 27 -11.84 33.88 0.92
N GLU D 28 -11.61 34.97 0.19
CA GLU D 28 -11.01 36.15 0.80
C GLU D 28 -11.87 36.76 1.89
N GLN D 29 -13.13 36.36 2.02
CA GLN D 29 -13.91 36.83 3.17
C GLN D 29 -13.19 36.54 4.49
N TRP D 30 -12.41 35.47 4.54
CA TRP D 30 -11.83 34.99 5.80
C TRP D 30 -10.34 35.20 5.88
N GLY D 31 -9.74 35.83 4.89
CA GLY D 31 -8.35 36.18 5.06
C GLY D 31 -7.64 36.34 3.74
N LYS D 32 -6.33 36.51 3.86
CA LYS D 32 -5.47 36.73 2.70
C LYS D 32 -5.15 35.40 2.06
N LEU D 33 -5.45 35.27 0.77
CA LEU D 33 -5.12 34.03 0.05
C LEU D 33 -3.77 34.16 -0.62
N THR D 34 -2.90 33.15 -0.40
CA THR D 34 -1.59 33.11 -1.04
C THR D 34 -1.64 32.37 -2.36
N ASP D 35 -2.75 31.70 -2.63
CA ASP D 35 -2.88 30.89 -3.83
C ASP D 35 -4.33 30.42 -3.97
N CYS D 36 -4.73 30.18 -5.20
CA CYS D 36 -6.08 29.77 -5.57
C CYS D 36 -6.00 29.11 -6.96
N VAL D 37 -6.66 27.96 -7.18
CA VAL D 37 -6.70 27.35 -8.49
C VAL D 37 -8.00 26.59 -8.68
N VAL D 38 -8.60 26.69 -9.86
CA VAL D 38 -9.69 25.80 -10.30
C VAL D 38 -9.03 24.74 -11.20
N MET D 39 -9.12 23.47 -10.81
CA MET D 39 -8.48 22.42 -11.61
C MET D 39 -9.31 22.13 -12.86
N ARG D 40 -8.63 21.95 -13.98
CA ARG D 40 -9.27 21.89 -15.29
C ARG D 40 -8.60 20.81 -16.11
N ASP D 41 -9.36 20.27 -17.06
CA ASP D 41 -8.78 19.36 -18.04
C ASP D 41 -7.83 20.15 -18.93
N PRO D 42 -6.56 19.75 -19.05
CA PRO D 42 -5.61 20.60 -19.79
C PRO D 42 -5.92 20.71 -21.28
N ALA D 43 -6.62 19.74 -21.87
CA ALA D 43 -6.96 19.82 -23.28
C ALA D 43 -8.14 20.78 -23.50
N SER D 44 -9.30 20.45 -22.93
CA SER D 44 -10.53 21.19 -23.13
C SER D 44 -10.65 22.43 -22.25
N LYS D 45 -9.90 22.51 -21.15
CA LYS D 45 -10.05 23.51 -20.10
C LYS D 45 -11.37 23.34 -19.36
N ARG D 46 -12.04 22.19 -19.52
CA ARG D 46 -13.24 21.93 -18.75
C ARG D 46 -12.88 21.79 -17.27
N SER D 47 -13.67 22.40 -16.40
CA SER D 47 -13.52 22.23 -14.96
C SER D 47 -13.57 20.75 -14.58
N ARG D 48 -12.66 20.36 -13.67
CA ARG D 48 -12.68 19.03 -13.07
C ARG D 48 -13.53 18.99 -11.83
N GLY D 49 -14.22 20.08 -11.49
CA GLY D 49 -15.13 20.05 -10.37
C GLY D 49 -14.50 20.22 -9.02
N PHE D 50 -13.23 20.60 -8.97
CA PHE D 50 -12.62 20.87 -7.68
C PHE D 50 -11.52 21.89 -7.88
N GLY D 51 -11.14 22.50 -6.78
CA GLY D 51 -9.99 23.39 -6.81
C GLY D 51 -9.31 23.43 -5.45
N PHE D 52 -8.34 24.35 -5.29
CA PHE D 52 -7.69 24.55 -4.00
C PHE D 52 -7.61 26.04 -3.69
N VAL D 53 -7.67 26.35 -2.40
CA VAL D 53 -7.34 27.70 -1.92
C VAL D 53 -6.33 27.56 -0.79
N THR D 54 -5.39 28.51 -0.73
CA THR D 54 -4.40 28.52 0.36
C THR D 54 -4.41 29.88 1.05
N PHE D 55 -4.60 29.86 2.37
CA PHE D 55 -4.58 31.06 3.19
C PHE D 55 -3.19 31.37 3.70
N SER D 56 -3.03 32.61 4.18
CA SER D 56 -1.76 33.00 4.76
C SER D 56 -1.49 32.39 6.14
N SER D 57 -2.51 31.81 6.81
CA SER D 57 -2.31 31.20 8.13
C SER D 57 -3.33 30.10 8.36
N MET D 58 -3.02 29.20 9.27
CA MET D 58 -3.98 28.18 9.63
C MET D 58 -5.21 28.80 10.30
N ALA D 59 -5.05 29.92 10.99
CA ALA D 59 -6.19 30.52 11.67
C ALA D 59 -7.23 30.99 10.67
N GLU D 60 -6.77 31.45 9.51
CA GLU D 60 -7.73 31.85 8.49
C GLU D 60 -8.46 30.62 7.93
N VAL D 61 -7.74 29.50 7.76
CA VAL D 61 -8.40 28.26 7.37
C VAL D 61 -9.48 27.91 8.37
N ASP D 62 -9.13 28.01 9.65
CA ASP D 62 -10.07 27.67 10.71
C ASP D 62 -11.30 28.59 10.64
N ALA D 63 -11.07 29.89 10.45
CA ALA D 63 -12.19 30.84 10.34
C ALA D 63 -13.11 30.48 9.18
N ALA D 64 -12.53 30.16 8.02
CA ALA D 64 -13.33 29.74 6.89
C ALA D 64 -14.15 28.50 7.21
N MET D 65 -13.54 27.51 7.85
CA MET D 65 -14.27 26.28 8.09
C MET D 65 -15.35 26.48 9.16
N ALA D 66 -15.16 27.44 10.07
CA ALA D 66 -16.17 27.77 11.08
C ALA D 66 -17.38 28.50 10.47
N ALA D 67 -17.24 29.04 9.27
CA ALA D 67 -18.28 29.76 8.53
C ALA D 67 -19.01 28.90 7.53
N ARG D 68 -18.87 27.59 7.58
CA ARG D 68 -19.62 26.75 6.64
C ARG D 68 -21.10 26.79 7.04
N PRO D 69 -22.02 26.47 6.09
CA PRO D 69 -21.76 25.98 4.73
C PRO D 69 -21.35 27.07 3.76
N HIS D 70 -20.64 26.65 2.70
CA HIS D 70 -20.13 27.57 1.69
C HIS D 70 -20.90 27.37 0.41
N SER D 71 -21.59 28.41 -0.02
CA SER D 71 -22.27 28.39 -1.31
C SER D 71 -21.52 29.33 -2.25
N ILE D 72 -21.04 28.76 -3.35
CA ILE D 72 -20.23 29.48 -4.32
C ILE D 72 -20.85 29.26 -5.69
N ASP D 73 -21.23 30.35 -6.36
CA ASP D 73 -21.83 30.27 -7.69
C ASP D 73 -23.04 29.35 -7.67
N GLY D 74 -23.89 29.54 -6.65
CA GLY D 74 -25.16 28.83 -6.59
C GLY D 74 -25.07 27.37 -6.24
N ARG D 75 -23.94 26.90 -5.69
CA ARG D 75 -23.77 25.50 -5.37
C ARG D 75 -23.10 25.41 -4.01
N VAL D 76 -23.59 24.50 -3.18
CA VAL D 76 -22.93 24.23 -1.91
C VAL D 76 -21.72 23.35 -2.20
N VAL D 77 -20.54 23.86 -1.91
CA VAL D 77 -19.31 23.14 -2.16
C VAL D 77 -18.90 22.43 -0.87
N GLU D 78 -17.88 21.59 -0.96
CA GLU D 78 -17.45 20.79 0.19
C GLU D 78 -15.98 21.05 0.44
N PRO D 79 -15.64 22.04 1.24
CA PRO D 79 -14.24 22.26 1.56
C PRO D 79 -13.74 21.20 2.51
N LYS D 80 -12.46 20.87 2.36
CA LYS D 80 -11.79 19.85 3.17
C LYS D 80 -10.34 20.24 3.34
N ARG D 81 -9.80 20.03 4.54
CA ARG D 81 -8.35 20.17 4.74
C ARG D 81 -7.59 19.32 3.72
N ALA D 82 -6.58 19.92 3.12
CA ALA D 82 -5.74 19.21 2.14
C ALA D 82 -5.05 17.99 2.72
N VAL D 83 -5.19 16.89 1.99
CA VAL D 83 -4.55 15.61 2.27
C VAL D 83 -3.29 15.50 1.42
N ALA D 84 -2.16 15.23 2.04
CA ALA D 84 -0.90 15.19 1.32
C ALA D 84 -0.94 14.19 0.18
N ARG D 85 -0.26 14.53 -0.91
CA ARG D 85 -0.17 13.62 -2.04
C ARG D 85 0.37 12.26 -1.64
N GLU D 86 1.27 12.20 -0.66
CA GLU D 86 1.87 10.94 -0.26
C GLU D 86 0.83 9.95 0.31
N GLU D 87 -0.33 10.42 0.70
CA GLU D 87 -1.42 9.54 1.16
C GLU D 87 -2.21 8.94 0.01
N SER D 88 -2.10 9.48 -1.19
CA SER D 88 -2.91 8.99 -2.30
C SER D 88 -2.51 7.55 -2.48
N GLY D 89 -3.49 6.65 -2.43
CA GLY D 89 -3.20 5.24 -2.57
C GLY D 89 -3.29 4.47 -1.27
N LYS D 90 -3.39 5.17 -0.08
CA LYS D 90 -3.63 4.50 1.18
C LYS D 90 -5.11 4.38 1.45
N PRO D 91 -5.55 3.35 2.17
CA PRO D 91 -6.99 3.20 2.39
C PRO D 91 -7.54 4.35 3.20
N GLY D 92 -8.68 4.89 2.72
CA GLY D 92 -9.37 5.96 3.43
C GLY D 92 -8.74 7.34 3.26
N ALA D 93 -7.72 7.48 2.44
CA ALA D 93 -6.98 8.75 2.35
C ALA D 93 -7.92 9.94 2.14
N HIS D 94 -8.95 9.75 1.31
CA HIS D 94 -9.80 10.89 0.97
C HIS D 94 -11.23 10.70 1.44
N VAL D 95 -11.50 9.73 2.29
CA VAL D 95 -12.85 9.50 2.82
C VAL D 95 -13.14 10.57 3.88
N THR D 96 -14.38 11.06 3.91
CA THR D 96 -14.79 12.13 4.81
C THR D 96 -15.69 11.51 5.88
N VAL D 97 -15.23 11.46 7.13
CA VAL D 97 -15.93 10.80 8.21
C VAL D 97 -15.89 11.66 9.46
N LYS D 98 -16.79 11.36 10.40
CA LYS D 98 -16.86 12.08 11.65
C LYS D 98 -16.23 11.32 12.82
N LYS D 99 -15.67 10.15 12.59
CA LYS D 99 -15.24 9.28 13.68
C LYS D 99 -13.74 9.02 13.58
N LEU D 100 -13.14 8.91 14.75
CA LEU D 100 -11.70 8.86 14.96
C LEU D 100 -11.40 7.64 15.84
N PHE D 101 -10.47 6.78 15.40
CA PHE D 101 -9.91 5.71 16.24
C PHE D 101 -8.72 6.24 17.03
N VAL D 102 -8.66 5.92 18.31
CA VAL D 102 -7.55 6.31 19.19
C VAL D 102 -6.99 5.08 19.87
N GLY D 103 -5.70 4.79 19.63
CA GLY D 103 -4.99 3.61 20.17
C GLY D 103 -3.83 3.94 21.09
N GLY D 104 -3.43 2.99 21.96
CA GLY D 104 -2.29 3.19 22.83
C GLY D 104 -2.63 3.88 24.11
N ILE D 105 -3.92 3.92 24.47
CA ILE D 105 -4.31 4.63 25.69
C ILE D 105 -4.39 3.73 26.89
N LYS D 106 -4.18 2.44 26.73
CA LYS D 106 -3.95 1.52 27.86
C LYS D 106 -5.22 1.52 28.73
N GLU D 107 -5.08 1.23 30.02
CA GLU D 107 -6.23 0.94 30.85
C GLU D 107 -6.56 2.06 31.82
N ASP D 108 -5.75 3.12 31.87
CA ASP D 108 -5.99 4.21 32.78
C ASP D 108 -6.53 5.45 32.09
N THR D 109 -6.87 5.35 30.80
CA THR D 109 -7.42 6.48 30.06
C THR D 109 -8.94 6.34 29.99
N GLU D 110 -9.65 7.37 30.45
CA GLU D 110 -11.10 7.42 30.48
C GLU D 110 -11.61 8.44 29.46
N GLU D 111 -12.95 8.51 29.37
CA GLU D 111 -13.56 9.41 28.41
C GLU D 111 -13.08 10.82 28.60
N HIS D 112 -12.95 11.27 29.85
CA HIS D 112 -12.69 12.69 30.03
C HIS D 112 -11.29 13.06 29.54
N HIS D 113 -10.37 12.11 29.55
CA HIS D 113 -9.04 12.34 29.00
C HIS D 113 -9.14 12.60 27.51
N LEU D 114 -9.94 11.80 26.81
CA LEU D 114 -10.09 12.01 25.36
C LEU D 114 -10.86 13.30 25.09
N ARG D 115 -11.89 13.61 25.90
CA ARG D 115 -12.64 14.85 25.73
C ARG D 115 -11.73 16.06 25.95
N ASP D 116 -10.99 16.08 27.06
CA ASP D 116 -10.08 17.20 27.33
C ASP D 116 -9.08 17.42 26.20
N TYR D 117 -8.55 16.33 25.64
CA TYR D 117 -7.55 16.43 24.59
C TYR D 117 -8.17 16.88 23.26
N PHE D 118 -9.31 16.33 22.89
CA PHE D 118 -9.79 16.53 21.54
C PHE D 118 -10.84 17.63 21.37
N GLU D 119 -11.44 18.13 22.45
CA GLU D 119 -12.56 19.06 22.27
C GLU D 119 -12.14 20.37 21.60
N GLU D 120 -10.86 20.74 21.65
CA GLU D 120 -10.42 21.97 20.98
C GLU D 120 -10.50 21.90 19.47
N TYR D 121 -10.63 20.71 18.89
CA TYR D 121 -10.70 20.56 17.46
C TYR D 121 -12.12 20.70 16.94
N GLY D 122 -13.13 20.61 17.79
CA GLY D 122 -14.51 20.62 17.35
C GLY D 122 -15.40 19.94 18.35
N LYS D 123 -16.70 20.10 18.11
CA LYS D 123 -17.71 19.58 19.01
C LYS D 123 -17.79 18.06 18.95
N ILE D 124 -17.65 17.46 20.11
CA ILE D 124 -17.68 16.02 20.28
C ILE D 124 -19.11 15.57 20.48
N ASP D 125 -19.50 14.53 19.75
CA ASP D 125 -20.81 13.88 19.91
C ASP D 125 -20.72 12.75 20.94
N THR D 126 -19.86 11.75 20.71
CA THR D 126 -19.71 10.63 21.62
C THR D 126 -18.25 10.22 21.75
N ILE D 127 -17.97 9.53 22.85
CA ILE D 127 -16.67 8.97 23.15
C ILE D 127 -16.87 7.56 23.66
N GLU D 128 -16.33 6.58 22.94
CA GLU D 128 -16.50 5.17 23.24
C GLU D 128 -15.15 4.59 23.63
N ILE D 129 -14.95 4.37 24.94
CA ILE D 129 -13.80 3.65 25.49
C ILE D 129 -14.15 2.17 25.50
N ILE D 130 -13.38 1.37 24.80
CA ILE D 130 -13.75 -0.02 24.61
C ILE D 130 -13.26 -0.88 25.77
N THR D 131 -14.13 -1.76 26.26
CA THR D 131 -13.81 -2.65 27.36
C THR D 131 -14.09 -4.08 26.95
N ASP D 132 -13.42 -4.99 27.68
CA ASP D 132 -13.61 -6.42 27.52
C ASP D 132 -15.02 -6.84 27.95
N ARG D 133 -15.68 -7.62 27.09
CA ARG D 133 -17.10 -7.91 27.30
C ARG D 133 -17.36 -8.69 28.60
N GLN D 134 -16.42 -9.53 29.04
CA GLN D 134 -16.64 -10.29 30.27
C GLN D 134 -15.86 -9.72 31.46
N SER D 135 -14.58 -9.39 31.30
CA SER D 135 -13.78 -8.91 32.43
C SER D 135 -14.10 -7.45 32.79
N GLY D 136 -14.58 -6.67 31.82
CA GLY D 136 -14.86 -5.27 32.02
C GLY D 136 -13.64 -4.37 31.96
N LYS D 137 -12.44 -4.94 31.86
CA LYS D 137 -11.23 -4.12 31.81
C LYS D 137 -11.14 -3.39 30.47
N LYS D 138 -10.56 -2.20 30.51
CA LYS D 138 -10.38 -1.43 29.29
C LYS D 138 -9.44 -2.16 28.33
N ARG D 139 -9.72 -2.07 27.02
CA ARG D 139 -8.94 -2.77 26.01
C ARG D 139 -7.85 -1.91 25.39
N GLY D 140 -7.65 -0.70 25.89
CA GLY D 140 -6.58 0.15 25.40
C GLY D 140 -6.87 0.96 24.15
N PHE D 141 -8.15 1.18 23.81
CA PHE D 141 -8.44 2.04 22.67
C PHE D 141 -9.88 2.52 22.74
N GLY D 142 -10.19 3.51 21.89
CA GLY D 142 -11.55 4.04 21.81
C GLY D 142 -11.80 4.75 20.49
N PHE D 143 -13.04 5.26 20.37
CA PHE D 143 -13.47 6.06 19.23
C PHE D 143 -14.08 7.37 19.70
N VAL D 144 -13.71 8.46 19.04
CA VAL D 144 -14.32 9.75 19.24
C VAL D 144 -15.11 10.13 17.99
N THR D 145 -16.39 10.41 18.18
CA THR D 145 -17.26 10.86 17.09
C THR D 145 -17.60 12.32 17.30
N PHE D 146 -17.32 13.13 16.29
CA PHE D 146 -17.56 14.56 16.27
C PHE D 146 -18.87 14.85 15.52
N ASP D 147 -19.35 16.08 15.67
CA ASP D 147 -20.54 16.48 14.93
C ASP D 147 -20.24 16.69 13.45
N ASP D 148 -18.97 16.83 13.09
CA ASP D 148 -18.56 17.15 11.72
C ASP D 148 -17.25 16.45 11.39
N HIS D 149 -16.93 16.30 10.09
CA HIS D 149 -15.70 15.65 9.64
C HIS D 149 -14.46 16.51 9.84
N ASP D 150 -14.60 17.84 9.90
CA ASP D 150 -13.41 18.68 9.90
C ASP D 150 -12.50 18.43 11.09
N PRO D 151 -12.98 18.21 12.33
CA PRO D 151 -12.05 17.92 13.41
C PRO D 151 -11.21 16.68 13.14
N VAL D 152 -11.85 15.62 12.62
CA VAL D 152 -11.12 14.41 12.29
C VAL D 152 -10.01 14.73 11.29
N ASP D 153 -10.35 15.46 10.23
CA ASP D 153 -9.40 15.78 9.19
C ASP D 153 -8.19 16.51 9.75
N LYS D 154 -8.44 17.46 10.64
CA LYS D 154 -7.35 18.24 11.21
C LYS D 154 -6.52 17.38 12.16
N ILE D 155 -7.18 16.56 12.98
CA ILE D 155 -6.47 15.70 13.91
C ILE D 155 -5.51 14.74 13.20
N VAL D 156 -5.95 14.12 12.10
CA VAL D 156 -5.15 13.04 11.53
C VAL D 156 -4.00 13.57 10.69
N LEU D 157 -3.91 14.89 10.52
CA LEU D 157 -2.68 15.46 10.00
C LEU D 157 -1.48 15.13 10.86
N GLN D 158 -1.69 14.75 12.12
CA GLN D 158 -0.62 14.32 13.00
C GLN D 158 -0.95 12.92 13.49
N LYS D 159 -0.12 11.92 13.16
CA LYS D 159 -0.43 10.53 13.57
C LYS D 159 -0.31 10.33 15.08
N TYR D 160 0.78 10.82 15.66
CA TYR D 160 1.10 10.52 17.03
C TYR D 160 0.71 11.69 17.91
N HIS D 161 0.03 11.38 19.00
CA HIS D 161 -0.45 12.32 19.99
C HIS D 161 -0.13 11.78 21.38
N THR D 162 0.34 12.66 22.26
CA THR D 162 0.49 12.31 23.67
C THR D 162 -0.83 12.52 24.38
N ILE D 163 -1.43 11.43 24.89
CA ILE D 163 -2.71 11.49 25.57
C ILE D 163 -2.60 10.81 26.92
N ASN D 164 -2.91 11.57 27.96
CA ASN D 164 -2.90 11.01 29.32
C ASN D 164 -1.57 10.36 29.60
N GLY D 165 -0.50 11.03 29.17
CA GLY D 165 0.83 10.55 29.43
C GLY D 165 1.30 9.41 28.55
N HIS D 166 0.48 8.95 27.60
CA HIS D 166 0.81 7.87 26.70
C HIS D 166 1.16 8.38 25.31
N ASN D 167 2.14 7.73 24.67
CA ASN D 167 2.37 7.85 23.22
C ASN D 167 1.19 7.17 22.55
N ALA D 168 0.21 7.96 22.07
CA ALA D 168 -0.98 7.39 21.44
C ALA D 168 -0.96 7.62 19.94
N GLU D 169 -1.87 6.93 19.25
CA GLU D 169 -2.00 6.95 17.81
C GLU D 169 -3.44 7.27 17.44
N VAL D 170 -3.64 8.07 16.37
CA VAL D 170 -4.97 8.35 15.88
C VAL D 170 -5.07 7.86 14.45
N ARG D 171 -6.26 7.45 14.09
CA ARG D 171 -6.54 6.96 12.75
C ARG D 171 -7.95 7.39 12.38
N LYS D 172 -8.16 7.81 11.14
CA LYS D 172 -9.53 7.92 10.65
C LYS D 172 -10.26 6.60 10.84
N ALA D 173 -11.47 6.65 11.40
CA ALA D 173 -12.27 5.43 11.57
C ALA D 173 -12.95 5.10 10.23
N LEU D 174 -12.64 3.95 9.68
CA LEU D 174 -13.18 3.50 8.40
C LEU D 174 -14.18 2.39 8.64
N SER D 175 -15.08 2.19 7.70
CA SER D 175 -16.01 1.09 7.86
C SER D 175 -15.25 -0.25 7.72
N ARG D 176 -15.86 -1.31 8.23
CA ARG D 176 -15.15 -2.58 8.12
C ARG D 176 -14.77 -2.91 6.68
N GLN D 177 -15.71 -2.69 5.73
CA GLN D 177 -15.46 -3.01 4.33
C GLN D 177 -14.27 -2.25 3.77
N GLU D 178 -14.02 -1.04 4.28
CA GLU D 178 -12.90 -0.24 3.78
C GLU D 178 -11.59 -0.62 4.43
N MET D 179 -11.62 -1.50 5.44
CA MET D 179 -10.43 -2.00 6.13
C MET D 179 -10.05 -3.38 5.59
#